data_7DVA
#
_entry.id   7DVA
#
_cell.length_a   49.500
_cell.length_b   125.596
_cell.length_c   84.640
_cell.angle_alpha   90.000
_cell.angle_beta   90.631
_cell.angle_gamma   90.000
#
_symmetry.space_group_name_H-M   'P 1 21 1'
#
loop_
_entity.id
_entity.type
_entity.pdbx_description
1 polymer Beta-N-acetylhexosaminidase
2 non-polymer 2-acetamido-2-deoxy-6-O-sulfo-beta-D-glucopyranose
3 non-polymer GLYCEROL
4 water water
#
_entity_poly.entity_id   1
_entity_poly.type   'polypeptide(L)'
_entity_poly.pdbx_seq_one_letter_code
;MQEIALTPQPAHLTVKDGRFEFGNQLKAKVTPYQGDSIRMVFESFKKELQEATGIKVSSTQKEAKARIILDLNPQLPAEA
YKLNVSKKQVRIEASRPAGFYYALQTLKQLMPRNVMAGVATSDHSQWSLPSVEIEDAPRFEWRGFMLDEGRHFFGKDEIK
RVIDMMAIYKMNRFHWHLTEDQGWRIEIKKYPKLTETGAWRNSKVLAYGDVKPDGERYGGFYTQKDIKEIVAYAKKKFIE
IIPEIDIPGHSQAAVAAYPEFLACDPRDKHEVWLQQGISTDVINVANPKAMQFAKEVIDELTELFPFNYIHLGGDECPTR
KWQKNDECKKLLSEIGSSNFRDLQIYFYKQLKDYIATKPADQQRQLIFWNEVLHGNTSILGNDITIMAWIGANAAAKQAA
KQGMNTILSPQIPYYINRKQSKLPTEPMSQGHGTETVEAVYNYQPLKDVDAALQPYYKGVQANFWTEWVTEPSVLEYLML
PRLAAVAEAGWTPQEKRNYEDFKERIRKDAELYDLKGWNYGKHIMKLEHHHHHH
;
_entity_poly.pdbx_strand_id   B,A
#
# COMPACT_ATOMS: atom_id res chain seq x y z
N ILE A 4 -30.25 2.01 -5.25
CA ILE A 4 -29.17 1.53 -6.17
C ILE A 4 -28.69 2.72 -7.01
N ALA A 5 -27.37 2.94 -7.01
CA ALA A 5 -26.76 4.04 -7.73
C ALA A 5 -25.46 3.57 -8.37
N LEU A 6 -25.54 3.19 -9.65
CA LEU A 6 -24.40 2.65 -10.35
C LEU A 6 -23.93 3.64 -11.41
N THR A 7 -22.64 3.96 -11.39
CA THR A 7 -22.02 4.87 -12.36
C THR A 7 -20.67 4.29 -12.80
N PRO A 8 -20.43 4.02 -14.09
CA PRO A 8 -21.41 4.18 -15.16
C PRO A 8 -22.63 3.26 -15.05
N GLN A 9 -23.74 3.74 -15.60
CA GLN A 9 -24.98 2.98 -15.66
C GLN A 9 -24.72 1.72 -16.48
N PRO A 10 -25.00 0.50 -15.96
CA PRO A 10 -24.84 -0.72 -16.75
C PRO A 10 -25.81 -0.82 -17.93
N ALA A 11 -25.41 -1.61 -18.93
CA ALA A 11 -26.24 -1.80 -20.12
C ALA A 11 -27.60 -2.44 -19.78
N HIS A 12 -27.61 -3.41 -18.86
CA HIS A 12 -28.82 -4.13 -18.51
CA HIS A 12 -28.81 -4.16 -18.51
C HIS A 12 -28.85 -4.39 -17.00
N LEU A 13 -29.93 -3.92 -16.36
CA LEU A 13 -30.16 -4.14 -14.94
C LEU A 13 -31.64 -4.48 -14.72
N THR A 14 -31.91 -5.58 -14.00
CA THR A 14 -33.23 -5.93 -13.50
C THR A 14 -33.13 -6.14 -11.99
N VAL A 15 -33.90 -5.35 -11.22
CA VAL A 15 -33.92 -5.54 -9.77
C VAL A 15 -34.85 -6.71 -9.48
N LYS A 16 -34.39 -7.62 -8.63
CA LYS A 16 -35.14 -8.82 -8.30
C LYS A 16 -35.57 -8.75 -6.83
N ASP A 17 -36.19 -9.82 -6.34
CA ASP A 17 -36.77 -9.90 -5.01
C ASP A 17 -35.66 -10.22 -4.01
N GLY A 18 -35.63 -9.48 -2.89
CA GLY A 18 -34.84 -9.88 -1.73
C GLY A 18 -33.42 -9.33 -1.72
N ARG A 19 -32.61 -9.86 -0.79
CA ARG A 19 -31.25 -9.38 -0.59
C ARG A 19 -30.34 -10.57 -0.32
N PHE A 20 -29.07 -10.41 -0.72
CA PHE A 20 -28.01 -11.34 -0.37
C PHE A 20 -27.31 -10.81 0.88
N GLU A 21 -27.22 -11.63 1.93
CA GLU A 21 -26.57 -11.30 3.18
C GLU A 21 -25.18 -11.92 3.21
N PHE A 22 -24.16 -11.11 3.49
CA PHE A 22 -22.79 -11.62 3.49
C PHE A 22 -22.48 -12.51 4.70
N GLY A 23 -22.96 -12.12 5.88
CA GLY A 23 -22.46 -12.68 7.13
C GLY A 23 -21.03 -12.20 7.39
N ASN A 24 -20.31 -12.89 8.29
CA ASN A 24 -18.97 -12.48 8.67
C ASN A 24 -17.94 -13.10 7.73
N GLN A 25 -18.30 -14.24 7.15
CA GLN A 25 -17.40 -14.91 6.23
C GLN A 25 -18.22 -15.80 5.31
N LEU A 26 -17.63 -16.13 4.16
CA LEU A 26 -18.33 -16.96 3.19
C LEU A 26 -17.30 -17.63 2.28
N LYS A 27 -17.77 -18.65 1.53
CA LYS A 27 -16.92 -19.38 0.61
C LYS A 27 -17.18 -18.92 -0.81
N ALA A 28 -16.09 -18.86 -1.58
CA ALA A 28 -16.15 -18.45 -2.98
C ALA A 28 -15.47 -19.51 -3.83
N LYS A 29 -16.06 -19.74 -5.00
CA LYS A 29 -15.46 -20.57 -6.02
C LYS A 29 -15.08 -19.68 -7.19
N VAL A 30 -13.78 -19.71 -7.54
CA VAL A 30 -13.26 -18.87 -8.60
C VAL A 30 -12.52 -19.75 -9.60
N THR A 31 -12.88 -19.58 -10.88
CA THR A 31 -12.26 -20.29 -11.98
C THR A 31 -10.73 -20.19 -11.90
N PRO A 32 -10.02 -21.32 -12.01
CA PRO A 32 -8.55 -21.33 -11.99
C PRO A 32 -7.93 -20.98 -13.34
N TYR A 33 -8.76 -20.84 -14.37
CA TYR A 33 -8.29 -20.75 -15.74
C TYR A 33 -7.56 -19.43 -15.97
N GLN A 34 -6.93 -19.32 -17.15
CA GLN A 34 -6.19 -18.14 -17.58
C GLN A 34 -5.02 -17.90 -16.63
N GLY A 35 -4.31 -18.98 -16.29
CA GLY A 35 -3.08 -18.89 -15.51
C GLY A 35 -3.28 -18.17 -14.17
N ASP A 36 -4.44 -18.38 -13.56
CA ASP A 36 -4.72 -17.89 -12.21
C ASP A 36 -4.99 -16.39 -12.17
N SER A 37 -5.09 -15.74 -13.34
CA SER A 37 -5.28 -14.29 -13.40
C SER A 37 -6.61 -13.87 -12.79
N ILE A 38 -7.63 -14.74 -12.86
CA ILE A 38 -8.95 -14.38 -12.35
C ILE A 38 -8.94 -14.52 -10.83
N ARG A 39 -8.21 -15.53 -10.33
CA ARG A 39 -8.05 -15.65 -8.89
C ARG A 39 -7.32 -14.44 -8.32
N MET A 40 -6.35 -13.89 -9.07
CA MET A 40 -5.58 -12.73 -8.64
C MET A 40 -6.46 -11.48 -8.53
N VAL A 41 -7.36 -11.29 -9.51
CA VAL A 41 -8.34 -10.21 -9.43
C VAL A 41 -9.17 -10.39 -8.16
N PHE A 42 -9.59 -11.63 -7.90
CA PHE A 42 -10.50 -11.87 -6.79
C PHE A 42 -9.78 -11.67 -5.46
N GLU A 43 -8.49 -12.02 -5.43
CA GLU A 43 -7.71 -11.87 -4.20
C GLU A 43 -7.62 -10.39 -3.84
N SER A 44 -7.46 -9.52 -4.85
CA SER A 44 -7.37 -8.09 -4.60
C SER A 44 -8.70 -7.54 -4.13
N PHE A 45 -9.80 -8.05 -4.68
CA PHE A 45 -11.12 -7.72 -4.18
C PHE A 45 -11.33 -8.15 -2.72
N LYS A 46 -10.86 -9.35 -2.37
CA LYS A 46 -10.95 -9.80 -0.99
C LYS A 46 -10.31 -8.81 -0.03
N LYS A 47 -9.14 -8.26 -0.41
CA LYS A 47 -8.43 -7.29 0.42
C LYS A 47 -9.30 -6.05 0.60
N GLU A 48 -9.83 -5.53 -0.52
CA GLU A 48 -10.67 -4.34 -0.46
C GLU A 48 -11.93 -4.57 0.37
N LEU A 49 -12.57 -5.76 0.22
CA LEU A 49 -13.78 -6.06 0.97
C LEU A 49 -13.46 -6.11 2.47
N GLN A 50 -12.35 -6.77 2.82
CA GLN A 50 -12.02 -6.91 4.23
C GLN A 50 -11.70 -5.54 4.85
N GLU A 51 -10.96 -4.70 4.11
CA GLU A 51 -10.62 -3.38 4.59
C GLU A 51 -11.88 -2.59 4.96
N ALA A 52 -12.93 -2.69 4.14
CA ALA A 52 -14.09 -1.83 4.29
C ALA A 52 -15.15 -2.41 5.23
N THR A 53 -15.18 -3.74 5.39
CA THR A 53 -16.32 -4.40 6.00
C THR A 53 -15.92 -5.43 7.04
N GLY A 54 -14.66 -5.87 6.99
CA GLY A 54 -14.17 -6.93 7.87
C GLY A 54 -14.55 -8.35 7.43
N ILE A 55 -15.30 -8.48 6.32
CA ILE A 55 -15.74 -9.79 5.85
C ILE A 55 -14.53 -10.57 5.31
N LYS A 56 -14.50 -11.87 5.62
CA LYS A 56 -13.45 -12.78 5.17
C LYS A 56 -14.07 -13.83 4.25
N VAL A 57 -13.30 -14.20 3.21
CA VAL A 57 -13.75 -15.10 2.17
C VAL A 57 -12.77 -16.28 2.11
N SER A 58 -13.30 -17.50 2.11
CA SER A 58 -12.49 -18.70 1.94
C SER A 58 -12.75 -19.27 0.55
N SER A 59 -12.00 -20.31 0.17
CA SER A 59 -12.06 -20.86 -1.19
C SER A 59 -12.73 -22.23 -1.14
N THR A 60 -13.57 -22.53 -2.15
CA THR A 60 -14.14 -23.86 -2.30
C THR A 60 -14.14 -24.25 -3.78
N GLN A 61 -14.06 -25.57 -4.04
CA GLN A 61 -14.24 -26.11 -5.38
C GLN A 61 -15.71 -26.49 -5.61
N LYS A 62 -16.53 -26.37 -4.57
CA LYS A 62 -17.89 -26.91 -4.61
C LYS A 62 -18.90 -25.79 -4.88
N GLU A 63 -19.50 -25.79 -6.07
CA GLU A 63 -20.50 -24.79 -6.43
C GLU A 63 -21.60 -24.73 -5.38
N ALA A 64 -21.96 -25.89 -4.83
CA ALA A 64 -23.06 -26.05 -3.89
C ALA A 64 -22.80 -25.31 -2.58
N LYS A 65 -21.51 -25.12 -2.25
CA LYS A 65 -21.11 -24.49 -0.99
C LYS A 65 -20.70 -23.04 -1.23
N ALA A 66 -20.61 -22.64 -2.50
CA ALA A 66 -20.11 -21.32 -2.84
C ALA A 66 -21.21 -20.27 -2.74
N ARG A 67 -20.97 -19.22 -1.94
CA ARG A 67 -21.89 -18.09 -1.88
C ARG A 67 -21.53 -17.03 -2.92
N ILE A 68 -20.29 -17.07 -3.39
CA ILE A 68 -19.83 -16.26 -4.51
C ILE A 68 -19.19 -17.21 -5.50
N ILE A 69 -19.58 -17.06 -6.77
CA ILE A 69 -18.96 -17.86 -7.81
C ILE A 69 -18.54 -16.97 -8.98
N LEU A 70 -17.30 -17.13 -9.44
CA LEU A 70 -16.79 -16.49 -10.64
C LEU A 70 -16.53 -17.59 -11.67
N ASP A 71 -17.29 -17.55 -12.76
CA ASP A 71 -17.16 -18.55 -13.82
C ASP A 71 -16.78 -17.88 -15.13
N LEU A 72 -16.07 -18.64 -15.96
CA LEU A 72 -15.63 -18.22 -17.28
C LEU A 72 -16.78 -18.41 -18.26
N ASN A 73 -17.06 -17.36 -19.04
CA ASN A 73 -17.97 -17.46 -20.16
C ASN A 73 -17.28 -16.85 -21.38
N PRO A 74 -16.69 -17.69 -22.27
CA PRO A 74 -15.92 -17.19 -23.42
C PRO A 74 -16.70 -16.37 -24.44
N GLN A 75 -18.04 -16.45 -24.37
CA GLN A 75 -18.88 -15.75 -25.33
C GLN A 75 -18.95 -14.25 -25.05
N LEU A 76 -18.58 -13.83 -23.83
CA LEU A 76 -18.70 -12.43 -23.48
C LEU A 76 -17.53 -11.63 -24.06
N PRO A 77 -17.77 -10.36 -24.48
CA PRO A 77 -16.68 -9.47 -24.88
C PRO A 77 -15.66 -9.25 -23.76
N ALA A 78 -14.51 -8.68 -24.12
CA ALA A 78 -13.32 -8.65 -23.28
C ALA A 78 -13.51 -7.89 -21.97
N GLU A 79 -14.41 -6.89 -21.93
CA GLU A 79 -14.62 -6.11 -20.71
C GLU A 79 -16.03 -6.33 -20.16
N ALA A 80 -16.73 -7.33 -20.71
CA ALA A 80 -18.13 -7.58 -20.37
C ALA A 80 -18.24 -8.51 -19.17
N TYR A 81 -19.40 -8.47 -18.50
CA TYR A 81 -19.66 -9.39 -17.39
C TYR A 81 -21.16 -9.56 -17.21
N LYS A 82 -21.52 -10.63 -16.49
CA LYS A 82 -22.85 -10.76 -15.93
C LYS A 82 -22.66 -10.84 -14.42
N LEU A 83 -23.55 -10.18 -13.71
CA LEU A 83 -23.55 -10.18 -12.26
C LEU A 83 -24.97 -10.48 -11.83
N ASN A 84 -25.17 -11.66 -11.23
N ASN A 84 -25.12 -11.64 -11.19
CA ASN A 84 -26.48 -12.13 -10.79
CA ASN A 84 -26.42 -12.13 -10.76
C ASN A 84 -26.44 -12.34 -9.28
C ASN A 84 -26.37 -12.29 -9.24
N VAL A 85 -27.19 -11.51 -8.54
CA VAL A 85 -27.27 -11.57 -7.09
C VAL A 85 -28.67 -12.07 -6.71
N SER A 86 -28.71 -13.17 -5.96
CA SER A 86 -29.94 -13.68 -5.38
C SER A 86 -29.69 -13.89 -3.89
N LYS A 87 -30.74 -14.28 -3.16
CA LYS A 87 -30.65 -14.53 -1.74
C LYS A 87 -29.54 -15.56 -1.47
N LYS A 88 -29.40 -16.52 -2.39
CA LYS A 88 -28.57 -17.70 -2.19
C LYS A 88 -27.12 -17.42 -2.56
N GLN A 89 -26.90 -16.65 -3.63
CA GLN A 89 -25.60 -16.67 -4.29
C GLN A 89 -25.36 -15.39 -5.09
N VAL A 90 -24.08 -15.02 -5.17
CA VAL A 90 -23.59 -14.04 -6.13
C VAL A 90 -22.87 -14.81 -7.22
N ARG A 91 -23.34 -14.66 -8.47
CA ARG A 91 -22.73 -15.33 -9.59
C ARG A 91 -22.22 -14.29 -10.58
N ILE A 92 -20.93 -14.39 -10.90
CA ILE A 92 -20.31 -13.50 -11.89
C ILE A 92 -19.80 -14.36 -13.04
N GLU A 93 -20.07 -13.89 -14.26
CA GLU A 93 -19.50 -14.47 -15.46
C GLU A 93 -18.76 -13.39 -16.23
N ALA A 94 -17.62 -13.77 -16.82
CA ALA A 94 -16.88 -12.90 -17.72
C ALA A 94 -15.93 -13.77 -18.55
N SER A 95 -15.28 -13.17 -19.56
CA SER A 95 -14.40 -13.93 -20.44
C SER A 95 -12.94 -13.65 -20.13
N ARG A 96 -12.65 -12.51 -19.50
CA ARG A 96 -11.29 -12.03 -19.32
C ARG A 96 -11.17 -11.40 -17.94
N PRO A 97 -9.95 -11.29 -17.38
CA PRO A 97 -9.75 -10.63 -16.08
C PRO A 97 -10.43 -9.27 -15.91
N ALA A 98 -10.33 -8.39 -16.93
CA ALA A 98 -10.96 -7.08 -16.84
C ALA A 98 -12.48 -7.17 -16.58
N GLY A 99 -13.16 -8.12 -17.25
CA GLY A 99 -14.59 -8.30 -17.05
C GLY A 99 -14.91 -8.64 -15.60
N PHE A 100 -14.13 -9.55 -15.00
CA PHE A 100 -14.32 -9.90 -13.60
C PHE A 100 -14.08 -8.68 -12.72
N TYR A 101 -13.04 -7.92 -13.05
CA TYR A 101 -12.69 -6.74 -12.27
C TYR A 101 -13.87 -5.77 -12.27
N TYR A 102 -14.45 -5.54 -13.46
CA TYR A 102 -15.54 -4.59 -13.58
C TYR A 102 -16.80 -5.11 -12.89
N ALA A 103 -17.04 -6.43 -12.97
CA ALA A 103 -18.16 -7.03 -12.25
C ALA A 103 -18.02 -6.74 -10.77
N LEU A 104 -16.78 -6.86 -10.24
CA LEU A 104 -16.54 -6.64 -8.82
C LEU A 104 -16.61 -5.16 -8.47
N GLN A 105 -16.29 -4.27 -9.43
CA GLN A 105 -16.48 -2.84 -9.22
C GLN A 105 -17.96 -2.55 -9.03
N THR A 106 -18.80 -3.16 -9.89
CA THR A 106 -20.23 -2.95 -9.82
C THR A 106 -20.77 -3.51 -8.50
N LEU A 107 -20.27 -4.70 -8.13
CA LEU A 107 -20.67 -5.29 -6.86
C LEU A 107 -20.38 -4.32 -5.71
N LYS A 108 -19.17 -3.74 -5.65
CA LYS A 108 -18.82 -2.83 -4.57
C LYS A 108 -19.75 -1.61 -4.59
N GLN A 109 -20.14 -1.17 -5.81
CA GLN A 109 -20.94 0.02 -5.96
C GLN A 109 -22.37 -0.22 -5.49
N LEU A 110 -22.77 -1.50 -5.38
CA LEU A 110 -24.10 -1.86 -4.87
C LEU A 110 -24.15 -1.78 -3.35
N MET A 111 -22.97 -1.67 -2.72
CA MET A 111 -22.84 -1.61 -1.27
C MET A 111 -22.73 -0.16 -0.84
N PRO A 112 -22.79 0.16 0.48
CA PRO A 112 -22.61 1.54 0.95
C PRO A 112 -21.29 2.08 0.40
N ARG A 113 -21.24 3.40 0.19
CA ARG A 113 -20.16 4.05 -0.53
C ARG A 113 -18.78 3.84 0.10
N ASN A 114 -18.71 3.58 1.40
CA ASN A 114 -17.42 3.35 2.05
C ASN A 114 -16.71 2.13 1.44
N VAL A 115 -17.48 1.17 0.91
CA VAL A 115 -16.86 -0.02 0.35
C VAL A 115 -16.02 0.36 -0.88
N MET A 116 -16.63 1.14 -1.78
CA MET A 116 -15.90 1.64 -2.93
C MET A 116 -14.75 2.55 -2.47
N ALA A 117 -14.93 3.24 -1.34
CA ALA A 117 -13.90 4.14 -0.83
C ALA A 117 -12.72 3.37 -0.27
N GLY A 118 -12.95 2.11 0.14
CA GLY A 118 -11.93 1.30 0.78
C GLY A 118 -11.68 1.70 2.24
N VAL A 119 -12.72 2.23 2.91
CA VAL A 119 -12.60 2.78 4.25
C VAL A 119 -13.68 2.15 5.13
N ALA A 120 -13.32 1.71 6.33
CA ALA A 120 -14.31 1.28 7.32
C ALA A 120 -14.97 2.51 7.94
N THR A 121 -16.28 2.41 8.20
CA THR A 121 -16.94 3.44 8.98
C THR A 121 -17.74 2.80 10.11
N SER A 122 -18.34 3.63 10.96
CA SER A 122 -19.12 3.11 12.07
C SER A 122 -20.59 2.94 11.70
N ASP A 123 -20.96 3.25 10.45
CA ASP A 123 -22.36 3.40 10.05
C ASP A 123 -23.05 2.05 9.84
N HIS A 124 -22.30 1.07 9.33
CA HIS A 124 -22.91 -0.20 8.95
C HIS A 124 -22.26 -1.35 9.70
N SER A 125 -23.11 -2.33 10.00
CA SER A 125 -22.82 -3.44 10.90
C SER A 125 -22.95 -4.75 10.13
N GLN A 126 -24.07 -4.87 9.40
CA GLN A 126 -24.39 -6.01 8.56
C GLN A 126 -24.27 -5.56 7.12
N TRP A 127 -23.78 -6.45 6.25
CA TRP A 127 -23.56 -6.11 4.87
C TRP A 127 -24.42 -7.00 3.97
N SER A 128 -25.02 -6.37 2.96
CA SER A 128 -25.88 -7.09 2.03
C SER A 128 -25.78 -6.46 0.64
N LEU A 129 -26.38 -7.16 -0.33
CA LEU A 129 -26.56 -6.68 -1.68
C LEU A 129 -28.02 -6.84 -2.04
N PRO A 130 -28.60 -5.93 -2.86
CA PRO A 130 -29.91 -6.16 -3.42
C PRO A 130 -29.80 -7.26 -4.47
N SER A 131 -30.86 -8.07 -4.61
CA SER A 131 -30.93 -9.03 -5.70
C SER A 131 -31.10 -8.28 -7.02
N VAL A 132 -30.27 -8.64 -8.00
CA VAL A 132 -30.22 -7.98 -9.29
C VAL A 132 -29.75 -9.00 -10.32
N GLU A 133 -30.10 -8.72 -11.58
CA GLU A 133 -29.52 -9.37 -12.73
C GLU A 133 -28.94 -8.26 -13.60
N ILE A 134 -27.62 -8.28 -13.76
CA ILE A 134 -26.90 -7.28 -14.53
C ILE A 134 -26.15 -7.99 -15.66
N GLU A 135 -26.28 -7.45 -16.87
CA GLU A 135 -25.41 -7.79 -17.98
C GLU A 135 -24.84 -6.46 -18.45
N ASP A 136 -23.52 -6.42 -18.61
CA ASP A 136 -22.90 -5.13 -18.82
C ASP A 136 -21.69 -5.29 -19.72
N ALA A 137 -21.40 -4.24 -20.48
CA ALA A 137 -20.25 -4.20 -21.37
C ALA A 137 -20.13 -2.75 -21.78
N PRO A 138 -18.92 -2.22 -22.02
CA PRO A 138 -18.78 -0.82 -22.39
C PRO A 138 -19.15 -0.56 -23.86
N ARG A 139 -19.75 0.61 -24.11
CA ARG A 139 -20.04 1.09 -25.45
C ARG A 139 -18.74 1.25 -26.23
N PHE A 140 -17.72 1.81 -25.56
CA PHE A 140 -16.47 2.16 -26.22
C PHE A 140 -15.29 1.45 -25.57
N GLU A 141 -14.34 1.01 -26.39
CA GLU A 141 -13.18 0.28 -25.90
C GLU A 141 -12.14 1.23 -25.28
N TRP A 142 -12.20 2.52 -25.63
CA TRP A 142 -11.25 3.51 -25.12
C TRP A 142 -12.00 4.53 -24.26
N ARG A 143 -11.72 4.52 -22.95
CA ARG A 143 -12.40 5.41 -22.01
C ARG A 143 -11.30 6.04 -21.18
N GLY A 144 -10.90 7.24 -21.61
CA GLY A 144 -9.59 7.76 -21.26
C GLY A 144 -9.62 9.04 -20.42
N PHE A 145 -8.49 9.25 -19.75
CA PHE A 145 -8.17 10.51 -19.12
C PHE A 145 -6.72 10.84 -19.45
N MET A 146 -6.46 12.08 -19.85
CA MET A 146 -5.10 12.56 -20.06
C MET A 146 -4.74 13.59 -19.00
N LEU A 147 -3.52 13.46 -18.44
CA LEU A 147 -2.99 14.52 -17.59
C LEU A 147 -1.70 15.07 -18.21
N ASP A 148 -1.68 16.41 -18.33
CA ASP A 148 -0.51 17.19 -18.72
C ASP A 148 0.36 17.41 -17.48
N GLU A 149 1.54 16.78 -17.42
CA GLU A 149 2.47 17.09 -16.35
C GLU A 149 3.66 17.92 -16.85
N GLY A 150 3.63 18.28 -18.14
CA GLY A 150 4.68 19.12 -18.71
C GLY A 150 4.58 20.54 -18.16
N ARG A 151 3.35 21.05 -18.07
CA ARG A 151 3.16 22.42 -17.63
C ARG A 151 3.37 22.51 -16.12
N HIS A 152 2.60 21.74 -15.33
CA HIS A 152 2.88 21.60 -13.91
C HIS A 152 2.98 20.11 -13.58
N PHE A 153 3.92 19.80 -12.67
CA PHE A 153 4.30 18.44 -12.33
C PHE A 153 3.64 18.09 -11.00
N PHE A 154 2.98 16.92 -10.97
CA PHE A 154 2.19 16.49 -9.81
C PHE A 154 2.87 15.36 -9.04
N GLY A 155 3.54 14.44 -9.74
CA GLY A 155 4.31 13.41 -9.06
C GLY A 155 3.49 12.16 -8.75
N LYS A 156 4.19 11.14 -8.26
CA LYS A 156 3.70 9.77 -8.24
C LYS A 156 2.48 9.61 -7.33
N ASP A 157 2.48 10.24 -6.15
CA ASP A 157 1.39 10.05 -5.19
C ASP A 157 0.09 10.55 -5.80
N GLU A 158 0.15 11.70 -6.48
CA GLU A 158 -1.05 12.28 -7.04
C GLU A 158 -1.52 11.48 -8.26
N ILE A 159 -0.57 10.95 -9.05
CA ILE A 159 -0.95 10.17 -10.22
C ILE A 159 -1.66 8.88 -9.76
N LYS A 160 -1.23 8.32 -8.64
CA LYS A 160 -1.91 7.14 -8.09
C LYS A 160 -3.34 7.50 -7.71
N ARG A 161 -3.54 8.70 -7.16
CA ARG A 161 -4.89 9.15 -6.83
C ARG A 161 -5.74 9.28 -8.09
N VAL A 162 -5.15 9.82 -9.17
CA VAL A 162 -5.83 9.96 -10.45
C VAL A 162 -6.29 8.60 -10.96
N ILE A 163 -5.37 7.63 -10.91
CA ILE A 163 -5.67 6.27 -11.35
C ILE A 163 -6.81 5.71 -10.50
N ASP A 164 -6.75 5.96 -9.18
CA ASP A 164 -7.83 5.51 -8.30
C ASP A 164 -9.18 6.09 -8.72
N MET A 165 -9.22 7.38 -9.07
CA MET A 165 -10.47 8.03 -9.46
C MET A 165 -10.99 7.42 -10.75
N MET A 166 -10.08 7.20 -11.72
CA MET A 166 -10.47 6.62 -12.99
C MET A 166 -11.08 5.24 -12.79
N ALA A 167 -10.50 4.44 -11.89
CA ALA A 167 -10.89 3.06 -11.73
C ALA A 167 -12.31 2.94 -11.16
N ILE A 168 -12.71 3.91 -10.31
CA ILE A 168 -14.05 3.95 -9.72
C ILE A 168 -15.07 3.84 -10.84
N TYR A 169 -14.78 4.54 -11.95
CA TYR A 169 -15.77 4.74 -13.00
C TYR A 169 -15.43 3.92 -14.24
N LYS A 170 -14.60 2.89 -14.06
CA LYS A 170 -14.27 1.91 -15.10
C LYS A 170 -13.55 2.52 -16.30
N MET A 171 -12.86 3.66 -16.12
CA MET A 171 -12.03 4.15 -17.21
C MET A 171 -10.79 3.26 -17.32
N ASN A 172 -10.27 3.10 -18.55
CA ASN A 172 -9.26 2.07 -18.78
C ASN A 172 -8.01 2.59 -19.51
N ARG A 173 -7.96 3.89 -19.84
CA ARG A 173 -6.82 4.43 -20.55
C ARG A 173 -6.35 5.73 -19.89
N PHE A 174 -5.11 5.72 -19.39
CA PHE A 174 -4.47 6.91 -18.88
C PHE A 174 -3.43 7.39 -19.90
N HIS A 175 -3.66 8.59 -20.42
CA HIS A 175 -2.79 9.21 -21.40
C HIS A 175 -1.88 10.20 -20.67
N TRP A 176 -0.57 9.90 -20.69
CA TRP A 176 0.37 10.67 -19.88
C TRP A 176 1.12 11.66 -20.77
N HIS A 177 0.72 12.93 -20.70
CA HIS A 177 1.32 13.98 -21.50
C HIS A 177 2.55 14.52 -20.73
N LEU A 178 3.72 13.93 -21.00
CA LEU A 178 4.89 14.04 -20.14
C LEU A 178 5.90 15.09 -20.63
N THR A 179 5.70 15.61 -21.85
CA THR A 179 6.71 16.43 -22.50
C THR A 179 6.06 17.63 -23.17
N GLU A 180 6.70 18.79 -23.02
CA GLU A 180 6.10 20.06 -23.42
C GLU A 180 7.18 21.10 -23.68
N ASP A 181 6.71 22.29 -24.09
CA ASP A 181 7.60 23.43 -24.24
C ASP A 181 8.19 23.81 -22.88
N GLN A 182 7.41 23.59 -21.81
CA GLN A 182 7.70 24.17 -20.50
C GLN A 182 8.28 23.12 -19.55
N GLY A 183 8.48 21.89 -20.04
CA GLY A 183 9.01 20.85 -19.18
C GLY A 183 9.04 19.48 -19.83
N TRP A 184 10.03 18.68 -19.42
CA TRP A 184 10.21 17.30 -19.83
C TRP A 184 10.27 16.45 -18.57
N ARG A 185 9.37 15.48 -18.43
CA ARG A 185 9.11 14.89 -17.11
C ARG A 185 9.48 13.41 -17.01
N ILE A 186 10.16 12.84 -18.01
CA ILE A 186 10.50 11.42 -17.96
C ILE A 186 12.00 11.22 -18.20
N GLU A 187 12.64 10.50 -17.28
CA GLU A 187 14.06 10.18 -17.41
C GLU A 187 14.27 9.32 -18.66
N ILE A 188 15.17 9.76 -19.54
CA ILE A 188 15.64 8.96 -20.67
C ILE A 188 17.14 8.75 -20.46
N LYS A 189 17.55 7.49 -20.28
CA LYS A 189 18.93 7.21 -19.87
C LYS A 189 19.95 7.70 -20.89
N LYS A 190 19.60 7.61 -22.19
CA LYS A 190 20.54 7.96 -23.24
C LYS A 190 20.64 9.48 -23.40
N TYR A 191 19.65 10.20 -22.88
CA TYR A 191 19.61 11.65 -23.04
C TYR A 191 19.36 12.32 -21.69
N PRO A 192 20.34 12.29 -20.78
CA PRO A 192 20.13 12.80 -19.42
C PRO A 192 19.76 14.27 -19.31
N LYS A 193 20.13 15.08 -20.31
CA LYS A 193 19.88 16.51 -20.24
C LYS A 193 18.39 16.84 -20.38
N LEU A 194 17.58 15.89 -20.86
CA LEU A 194 16.15 16.15 -21.01
C LEU A 194 15.57 16.47 -19.65
N THR A 195 16.08 15.78 -18.62
CA THR A 195 15.62 15.99 -17.26
C THR A 195 16.54 16.97 -16.54
N GLU A 196 17.85 16.87 -16.76
CA GLU A 196 18.77 17.77 -16.05
C GLU A 196 18.51 19.23 -16.44
N THR A 197 18.20 19.45 -17.73
CA THR A 197 17.86 20.78 -18.23
C THR A 197 16.35 20.96 -18.27
N GLY A 198 15.65 19.99 -18.88
CA GLY A 198 14.26 20.17 -19.26
C GLY A 198 13.26 20.05 -18.11
N ALA A 199 13.69 19.49 -16.96
CA ALA A 199 12.73 19.21 -15.91
C ALA A 199 12.67 20.35 -14.90
N TRP A 200 13.48 21.40 -15.11
CA TRP A 200 13.60 22.52 -14.19
C TRP A 200 13.56 23.83 -14.95
N ARG A 201 12.92 24.84 -14.36
CA ARG A 201 12.83 26.15 -14.98
C ARG A 201 12.67 27.23 -13.91
N ASN A 202 12.90 28.49 -14.28
CA ASN A 202 12.92 29.58 -13.33
C ASN A 202 11.58 30.29 -13.27
N SER A 203 10.50 29.51 -13.29
CA SER A 203 9.19 30.07 -12.98
C SER A 203 8.24 28.94 -12.62
N LYS A 204 7.50 29.12 -11.53
CA LYS A 204 6.39 28.22 -11.25
C LYS A 204 5.20 28.56 -12.14
N VAL A 205 4.76 29.82 -12.10
CA VAL A 205 3.66 30.22 -12.97
C VAL A 205 4.16 30.27 -14.41
N LEU A 206 3.24 30.04 -15.35
CA LEU A 206 3.57 30.21 -16.76
C LEU A 206 2.94 31.50 -17.27
N ALA A 207 3.78 32.36 -17.85
CA ALA A 207 3.37 33.67 -18.35
C ALA A 207 2.34 33.53 -19.47
N TYR A 208 1.31 34.40 -19.42
CA TYR A 208 0.36 34.50 -20.52
C TYR A 208 -0.30 35.86 -20.39
N GLY A 209 -0.52 36.52 -21.53
CA GLY A 209 -1.08 37.86 -21.52
C GLY A 209 -0.17 38.80 -20.73
N ASP A 210 -0.73 39.34 -19.64
CA ASP A 210 0.02 40.29 -18.82
C ASP A 210 0.70 39.59 -17.64
N VAL A 211 0.44 38.29 -17.44
CA VAL A 211 1.05 37.54 -16.35
C VAL A 211 2.50 37.26 -16.70
N LYS A 212 3.42 37.56 -15.77
CA LYS A 212 4.87 37.48 -16.00
C LYS A 212 5.44 36.26 -15.27
N PRO A 213 6.61 35.72 -15.68
CA PRO A 213 7.28 34.65 -14.93
C PRO A 213 7.66 35.13 -13.52
N ASP A 214 7.84 34.21 -12.57
CA ASP A 214 7.95 34.57 -11.16
C ASP A 214 9.36 34.37 -10.60
N GLY A 215 10.28 33.78 -11.38
CA GLY A 215 11.70 33.68 -11.00
C GLY A 215 11.97 32.56 -9.98
N GLU A 216 10.92 31.80 -9.63
CA GLU A 216 11.04 30.69 -8.69
C GLU A 216 11.47 29.45 -9.44
N ARG A 217 12.45 28.72 -8.88
CA ARG A 217 12.88 27.46 -9.47
C ARG A 217 11.80 26.41 -9.26
N TYR A 218 11.37 25.75 -10.35
CA TYR A 218 10.24 24.85 -10.30
C TYR A 218 10.46 23.65 -11.19
N GLY A 219 10.05 22.47 -10.73
CA GLY A 219 9.98 21.35 -11.65
C GLY A 219 9.99 20.00 -10.95
N GLY A 220 10.57 19.04 -11.66
CA GLY A 220 10.50 17.66 -11.22
C GLY A 220 10.36 16.75 -12.43
N PHE A 221 10.58 15.45 -12.19
CA PHE A 221 10.47 14.46 -13.26
C PHE A 221 10.35 13.09 -12.62
N TYR A 222 9.95 12.12 -13.44
CA TYR A 222 9.85 10.73 -13.03
C TYR A 222 11.10 9.97 -13.45
N THR A 223 11.66 9.21 -12.51
CA THR A 223 12.66 8.23 -12.84
C THR A 223 12.00 7.07 -13.55
N GLN A 224 12.80 6.26 -14.24
CA GLN A 224 12.28 5.07 -14.90
C GLN A 224 11.69 4.12 -13.87
N LYS A 225 12.29 4.05 -12.68
CA LYS A 225 11.77 3.22 -11.61
C LYS A 225 10.37 3.70 -11.21
N ASP A 226 10.18 5.01 -11.07
CA ASP A 226 8.88 5.61 -10.77
C ASP A 226 7.87 5.25 -11.87
N ILE A 227 8.30 5.37 -13.14
CA ILE A 227 7.40 5.05 -14.25
C ILE A 227 6.88 3.62 -14.14
N LYS A 228 7.79 2.67 -13.91
CA LYS A 228 7.43 1.26 -13.82
C LYS A 228 6.46 1.03 -12.68
N GLU A 229 6.67 1.72 -11.55
CA GLU A 229 5.80 1.55 -10.39
C GLU A 229 4.38 1.97 -10.75
N ILE A 230 4.27 3.10 -11.45
CA ILE A 230 2.97 3.65 -11.81
C ILE A 230 2.26 2.75 -12.82
N VAL A 231 3.01 2.26 -13.82
CA VAL A 231 2.45 1.33 -14.78
C VAL A 231 1.88 0.10 -14.07
N ALA A 232 2.64 -0.46 -13.13
CA ALA A 232 2.20 -1.65 -12.40
C ALA A 232 0.96 -1.33 -11.55
N TYR A 233 0.94 -0.15 -10.93
CA TYR A 233 -0.18 0.26 -10.10
C TYR A 233 -1.46 0.34 -10.94
N ALA A 234 -1.35 0.96 -12.12
CA ALA A 234 -2.49 1.15 -13.01
C ALA A 234 -2.98 -0.20 -13.53
N LYS A 235 -2.05 -1.12 -13.79
CA LYS A 235 -2.43 -2.42 -14.33
C LYS A 235 -3.34 -3.19 -13.37
N LYS A 236 -3.14 -3.02 -12.07
CA LYS A 236 -3.96 -3.69 -11.06
C LYS A 236 -5.41 -3.22 -11.13
N LYS A 237 -5.66 -2.06 -11.74
CA LYS A 237 -7.00 -1.49 -11.88
C LYS A 237 -7.43 -1.49 -13.35
N PHE A 238 -6.70 -2.25 -14.17
CA PHE A 238 -7.06 -2.47 -15.56
C PHE A 238 -7.03 -1.17 -16.34
N ILE A 239 -6.08 -0.32 -15.97
CA ILE A 239 -5.82 0.91 -16.69
C ILE A 239 -4.47 0.73 -17.40
N GLU A 240 -4.50 0.89 -18.72
CA GLU A 240 -3.28 0.90 -19.51
C GLU A 240 -2.84 2.34 -19.69
N ILE A 241 -1.51 2.53 -19.76
CA ILE A 241 -0.93 3.87 -19.85
C ILE A 241 -0.36 4.06 -21.24
N ILE A 242 -0.81 5.13 -21.89
CA ILE A 242 -0.22 5.55 -23.16
CA ILE A 242 -0.27 5.59 -23.17
C ILE A 242 0.64 6.78 -22.90
N PRO A 243 1.95 6.67 -23.15
CA PRO A 243 2.85 7.82 -23.00
C PRO A 243 2.69 8.69 -24.24
N GLU A 244 2.72 10.00 -24.03
CA GLU A 244 2.83 10.91 -25.15
C GLU A 244 4.16 11.63 -25.08
N ILE A 245 4.95 11.49 -26.15
CA ILE A 245 6.09 12.34 -26.41
C ILE A 245 5.68 13.26 -27.55
N ASP A 246 5.31 14.50 -27.20
CA ASP A 246 4.70 15.38 -28.18
C ASP A 246 5.81 15.95 -29.06
N ILE A 247 5.84 15.52 -30.33
CA ILE A 247 6.89 15.93 -31.25
C ILE A 247 6.28 16.10 -32.63
N PRO A 248 6.85 16.95 -33.53
CA PRO A 248 8.03 17.74 -33.22
C PRO A 248 7.73 19.15 -32.71
N GLY A 249 6.44 19.48 -32.55
CA GLY A 249 6.06 20.71 -31.87
C GLY A 249 5.96 20.47 -30.37
N HIS A 250 5.61 21.51 -29.61
CA HIS A 250 5.50 21.39 -28.16
C HIS A 250 6.76 20.76 -27.57
N SER A 251 7.94 21.11 -28.13
CA SER A 251 9.19 20.42 -27.86
C SER A 251 10.29 21.38 -27.41
N GLN A 252 9.92 22.58 -26.93
CA GLN A 252 10.94 23.57 -26.60
C GLN A 252 11.87 23.08 -25.47
N ALA A 253 11.34 22.31 -24.50
CA ALA A 253 12.19 21.81 -23.42
C ALA A 253 13.26 20.87 -23.98
N ALA A 254 12.88 19.98 -24.89
CA ALA A 254 13.85 19.07 -25.50
C ALA A 254 14.87 19.86 -26.31
N VAL A 255 14.41 20.88 -27.02
CA VAL A 255 15.31 21.66 -27.85
C VAL A 255 16.33 22.39 -26.97
N ALA A 256 15.85 22.93 -25.83
CA ALA A 256 16.71 23.58 -24.84
C ALA A 256 17.77 22.61 -24.30
N ALA A 257 17.40 21.32 -24.15
CA ALA A 257 18.31 20.31 -23.62
C ALA A 257 19.39 19.96 -24.65
N TYR A 258 18.99 19.81 -25.92
CA TYR A 258 19.93 19.38 -26.95
C TYR A 258 19.83 20.27 -28.18
N PRO A 259 20.14 21.58 -28.08
CA PRO A 259 19.95 22.49 -29.21
C PRO A 259 20.86 22.18 -30.40
N GLU A 260 22.04 21.60 -30.10
CA GLU A 260 23.07 21.35 -31.11
C GLU A 260 22.53 20.48 -32.25
N PHE A 261 21.55 19.63 -31.99
CA PHE A 261 20.98 18.84 -33.08
C PHE A 261 19.46 18.91 -33.15
N LEU A 262 18.78 19.36 -32.08
CA LEU A 262 17.32 19.44 -32.12
C LEU A 262 16.83 20.79 -32.62
N ALA A 263 17.62 21.86 -32.44
CA ALA A 263 17.16 23.19 -32.80
C ALA A 263 17.26 23.39 -34.30
N CYS A 264 16.30 24.13 -34.87
CA CYS A 264 16.36 24.54 -36.26
C CYS A 264 17.42 25.64 -36.42
N ASP A 265 17.61 26.42 -35.35
CA ASP A 265 18.52 27.55 -35.33
C ASP A 265 19.48 27.39 -34.16
N PRO A 266 20.47 26.47 -34.22
CA PRO A 266 21.32 26.17 -33.05
C PRO A 266 22.28 27.27 -32.63
N ARG A 267 22.40 28.34 -33.41
CA ARG A 267 23.29 29.43 -33.01
C ARG A 267 22.56 30.44 -32.12
N ASP A 268 21.21 30.37 -32.08
CA ASP A 268 20.41 31.20 -31.18
C ASP A 268 20.33 30.54 -29.81
N LYS A 269 19.89 31.30 -28.79
CA LYS A 269 19.69 30.75 -27.46
C LYS A 269 18.41 29.92 -27.46
N HIS A 270 18.42 28.83 -26.68
CA HIS A 270 17.24 28.02 -26.47
C HIS A 270 17.12 27.74 -24.98
N GLU A 271 15.94 28.02 -24.43
CA GLU A 271 15.70 27.76 -23.02
C GLU A 271 14.33 27.11 -22.88
N VAL A 272 14.11 26.49 -21.73
CA VAL A 272 12.78 26.00 -21.39
C VAL A 272 11.82 27.18 -21.42
N TRP A 273 10.65 26.99 -22.04
CA TRP A 273 9.71 28.09 -22.16
C TRP A 273 9.05 28.39 -20.83
N LEU A 274 8.98 29.68 -20.46
CA LEU A 274 8.31 30.09 -19.24
C LEU A 274 6.94 30.70 -19.54
N GLN A 275 6.50 30.55 -20.79
CA GLN A 275 5.21 31.10 -21.24
C GLN A 275 4.25 29.95 -21.58
N GLN A 276 2.96 30.29 -21.61
CA GLN A 276 1.92 29.45 -22.20
C GLN A 276 1.79 29.82 -23.68
N GLY A 277 1.11 28.95 -24.43
CA GLY A 277 0.75 29.24 -25.80
C GLY A 277 1.41 28.29 -26.78
N ILE A 278 1.72 28.81 -27.97
CA ILE A 278 2.27 28.00 -29.06
C ILE A 278 3.68 28.50 -29.37
N SER A 279 4.64 27.57 -29.30
CA SER A 279 6.05 27.86 -29.53
C SER A 279 6.41 27.54 -30.96
N THR A 280 7.30 28.34 -31.56
CA THR A 280 7.82 28.07 -32.90
C THR A 280 9.12 27.30 -32.81
N ASP A 281 9.59 27.05 -31.58
CA ASP A 281 10.86 26.38 -31.34
C ASP A 281 10.67 24.87 -31.42
N VAL A 282 10.47 24.39 -32.66
CA VAL A 282 10.13 23.01 -32.94
C VAL A 282 11.39 22.21 -33.26
N ILE A 283 11.28 20.88 -33.19
CA ILE A 283 12.42 20.03 -33.52
C ILE A 283 12.75 20.11 -35.01
N ASN A 284 14.05 20.10 -35.29
CA ASN A 284 14.59 20.01 -36.64
C ASN A 284 14.48 18.57 -37.14
N VAL A 285 13.35 18.29 -37.81
CA VAL A 285 13.00 16.93 -38.23
C VAL A 285 13.91 16.45 -39.35
N ALA A 286 14.72 17.34 -39.92
CA ALA A 286 15.58 16.97 -41.03
C ALA A 286 17.00 16.65 -40.57
N ASN A 287 17.30 16.89 -39.29
CA ASN A 287 18.61 16.57 -38.75
C ASN A 287 18.66 15.08 -38.41
N PRO A 288 19.66 14.32 -38.93
CA PRO A 288 19.74 12.88 -38.65
C PRO A 288 19.82 12.53 -37.17
N LYS A 289 20.49 13.37 -36.36
CA LYS A 289 20.61 13.12 -34.93
C LYS A 289 19.27 13.35 -34.24
N ALA A 290 18.39 14.14 -34.86
CA ALA A 290 17.07 14.34 -34.29
C ALA A 290 16.22 13.09 -34.49
N MET A 291 16.37 12.48 -35.68
CA MET A 291 15.71 11.22 -36.00
C MET A 291 16.18 10.13 -35.04
N GLN A 292 17.49 10.03 -34.84
CA GLN A 292 18.08 9.04 -33.94
C GLN A 292 17.57 9.28 -32.52
N PHE A 293 17.46 10.54 -32.11
CA PHE A 293 16.94 10.89 -30.79
C PHE A 293 15.52 10.36 -30.62
N ALA A 294 14.65 10.61 -31.62
CA ALA A 294 13.26 10.19 -31.52
C ALA A 294 13.17 8.66 -31.45
N LYS A 295 13.98 7.97 -32.26
CA LYS A 295 14.01 6.51 -32.24
C LYS A 295 14.41 5.97 -30.87
N GLU A 296 15.45 6.57 -30.28
CA GLU A 296 16.00 6.11 -29.01
C GLU A 296 15.03 6.43 -27.87
N VAL A 297 14.31 7.55 -27.98
CA VAL A 297 13.28 7.84 -26.99
C VAL A 297 12.18 6.78 -27.11
N ILE A 298 11.75 6.47 -28.34
CA ILE A 298 10.76 5.43 -28.54
C ILE A 298 11.25 4.09 -27.98
N ASP A 299 12.53 3.76 -28.21
CA ASP A 299 13.10 2.53 -27.65
C ASP A 299 12.89 2.49 -26.14
N GLU A 300 13.22 3.59 -25.45
CA GLU A 300 13.08 3.60 -23.99
C GLU A 300 11.62 3.48 -23.57
N LEU A 301 10.70 4.08 -24.33
CA LEU A 301 9.28 4.01 -23.99
C LEU A 301 8.80 2.55 -24.06
N THR A 302 9.35 1.80 -25.02
N THR A 302 9.30 1.79 -25.05
CA THR A 302 8.93 0.43 -25.25
CA THR A 302 8.89 0.41 -25.21
C THR A 302 9.35 -0.45 -24.08
C THR A 302 9.27 -0.39 -23.96
N GLU A 303 10.41 -0.03 -23.37
CA GLU A 303 10.92 -0.75 -22.21
C GLU A 303 10.04 -0.48 -20.98
N LEU A 304 9.45 0.72 -20.91
CA LEU A 304 8.79 1.18 -19.70
C LEU A 304 7.27 1.01 -19.77
N PHE A 305 6.73 1.14 -20.99
CA PHE A 305 5.29 1.16 -21.20
C PHE A 305 4.88 -0.02 -22.06
N PRO A 306 4.26 -1.07 -21.48
CA PRO A 306 3.91 -2.28 -22.22
C PRO A 306 2.70 -2.18 -23.13
N PHE A 307 1.85 -1.16 -22.93
CA PHE A 307 0.66 -0.99 -23.73
C PHE A 307 1.04 -0.79 -25.19
N ASN A 308 0.18 -1.21 -26.13
CA ASN A 308 0.64 -1.32 -27.50
C ASN A 308 0.46 -0.02 -28.30
N TYR A 309 0.18 1.11 -27.63
CA TYR A 309 0.05 2.39 -28.30
C TYR A 309 1.03 3.40 -27.70
N ILE A 310 1.56 4.27 -28.57
CA ILE A 310 2.29 5.47 -28.18
C ILE A 310 1.62 6.65 -28.87
N HIS A 311 1.55 7.78 -28.16
CA HIS A 311 1.07 9.05 -28.67
C HIS A 311 2.27 9.93 -29.04
N LEU A 312 2.34 10.37 -30.30
CA LEU A 312 3.46 11.21 -30.73
C LEU A 312 3.02 12.66 -30.89
N GLY A 313 1.81 12.98 -30.44
CA GLY A 313 1.34 14.37 -30.42
C GLY A 313 1.05 14.92 -31.81
N GLY A 314 1.70 16.04 -32.14
CA GLY A 314 1.64 16.62 -33.47
C GLY A 314 0.72 17.84 -33.54
N ASP A 315 0.21 18.28 -32.38
CA ASP A 315 -0.59 19.48 -32.31
C ASP A 315 0.29 20.73 -32.48
N GLU A 316 -0.32 21.81 -33.00
CA GLU A 316 0.22 23.16 -32.91
C GLU A 316 1.72 23.21 -33.19
N CYS A 317 2.11 22.75 -34.37
CA CYS A 317 3.51 22.68 -34.75
C CYS A 317 3.77 23.63 -35.92
N PRO A 318 4.19 24.90 -35.67
CA PRO A 318 4.43 25.85 -36.75
C PRO A 318 5.61 25.41 -37.60
N THR A 319 5.53 25.70 -38.90
CA THR A 319 6.57 25.29 -39.83
C THR A 319 7.59 26.40 -40.05
N ARG A 320 7.40 27.57 -39.42
CA ARG A 320 8.20 28.76 -39.68
C ARG A 320 9.69 28.46 -39.63
N LYS A 321 10.13 27.76 -38.58
CA LYS A 321 11.56 27.51 -38.40
C LYS A 321 12.08 26.50 -39.43
N TRP A 322 11.22 25.62 -39.94
CA TRP A 322 11.64 24.67 -40.98
C TRP A 322 11.91 25.40 -42.30
N GLN A 323 11.07 26.40 -42.61
CA GLN A 323 11.19 27.17 -43.83
C GLN A 323 12.53 27.87 -43.90
N LYS A 324 13.18 28.07 -42.74
CA LYS A 324 14.40 28.85 -42.63
C LYS A 324 15.63 27.96 -42.44
N ASN A 325 15.45 26.63 -42.58
CA ASN A 325 16.49 25.69 -42.25
C ASN A 325 16.91 24.95 -43.52
N ASP A 326 18.22 24.95 -43.82
CA ASP A 326 18.69 24.39 -45.09
C ASP A 326 18.50 22.87 -45.13
N GLU A 327 18.74 22.19 -44.00
CA GLU A 327 18.51 20.75 -43.91
C GLU A 327 17.04 20.44 -44.25
N CYS A 328 16.11 21.25 -43.74
CA CYS A 328 14.67 21.04 -43.92
C CYS A 328 14.26 21.31 -45.36
N LYS A 329 14.81 22.37 -45.95
CA LYS A 329 14.51 22.73 -47.33
C LYS A 329 15.01 21.63 -48.28
N LYS A 330 16.20 21.09 -48.00
CA LYS A 330 16.78 20.03 -48.83
C LYS A 330 15.89 18.80 -48.77
N LEU A 331 15.43 18.45 -47.56
CA LEU A 331 14.62 17.26 -47.35
C LEU A 331 13.26 17.40 -48.04
N LEU A 332 12.65 18.59 -47.94
CA LEU A 332 11.34 18.82 -48.53
C LEU A 332 11.41 18.56 -50.04
N SER A 333 12.45 19.06 -50.69
CA SER A 333 12.56 18.82 -52.13
C SER A 333 12.81 17.33 -52.40
N GLU A 334 13.57 16.66 -51.52
CA GLU A 334 13.95 15.27 -51.72
C GLU A 334 12.71 14.38 -51.62
N ILE A 335 11.75 14.76 -50.77
CA ILE A 335 10.55 13.93 -50.57
C ILE A 335 9.47 14.31 -51.59
N GLY A 336 9.73 15.35 -52.39
CA GLY A 336 8.86 15.72 -53.50
C GLY A 336 7.61 16.48 -53.07
N SER A 337 7.74 17.30 -52.01
CA SER A 337 6.61 18.08 -51.54
C SER A 337 6.97 19.57 -51.63
N SER A 338 5.94 20.42 -51.69
CA SER A 338 6.13 21.86 -51.63
C SER A 338 5.43 22.43 -50.39
N ASN A 339 4.97 21.54 -49.50
CA ASN A 339 4.26 21.95 -48.29
C ASN A 339 5.07 21.51 -47.08
N PHE A 340 5.54 22.48 -46.28
CA PHE A 340 6.45 22.17 -45.18
C PHE A 340 5.78 21.30 -44.13
N ARG A 341 4.44 21.32 -44.06
CA ARG A 341 3.69 20.44 -43.16
C ARG A 341 4.07 18.99 -43.43
N ASP A 342 4.41 18.67 -44.68
CA ASP A 342 4.72 17.29 -45.03
C ASP A 342 6.00 16.79 -44.35
N LEU A 343 6.89 17.70 -43.90
CA LEU A 343 8.05 17.29 -43.14
C LEU A 343 7.66 16.64 -41.82
N GLN A 344 6.56 17.10 -41.22
CA GLN A 344 6.05 16.53 -39.99
C GLN A 344 5.60 15.08 -40.25
N ILE A 345 4.85 14.91 -41.34
CA ILE A 345 4.27 13.60 -41.71
C ILE A 345 5.40 12.63 -42.07
N TYR A 346 6.38 13.10 -42.84
CA TYR A 346 7.51 12.28 -43.24
C TYR A 346 8.31 11.82 -42.01
N PHE A 347 8.46 12.72 -41.04
CA PHE A 347 9.12 12.41 -39.79
C PHE A 347 8.43 11.23 -39.10
N TYR A 348 7.10 11.30 -39.02
CA TYR A 348 6.32 10.23 -38.42
C TYR A 348 6.44 8.92 -39.20
N LYS A 349 6.46 9.01 -40.53
CA LYS A 349 6.57 7.84 -41.38
C LYS A 349 7.88 7.12 -41.08
N GLN A 350 8.97 7.88 -40.90
CA GLN A 350 10.26 7.27 -40.59
C GLN A 350 10.20 6.55 -39.25
N LEU A 351 9.50 7.15 -38.27
CA LEU A 351 9.41 6.51 -36.97
C LEU A 351 8.53 5.26 -37.03
N LYS A 352 7.44 5.35 -37.79
CA LYS A 352 6.51 4.23 -37.94
C LYS A 352 7.23 3.05 -38.60
N ASP A 353 8.03 3.34 -39.62
CA ASP A 353 8.83 2.33 -40.31
C ASP A 353 9.86 1.72 -39.35
N TYR A 354 10.48 2.56 -38.52
CA TYR A 354 11.47 2.10 -37.55
C TYR A 354 10.83 1.12 -36.57
N ILE A 355 9.63 1.47 -36.08
CA ILE A 355 8.93 0.62 -35.13
C ILE A 355 8.61 -0.73 -35.76
N ALA A 356 8.26 -0.72 -37.06
CA ALA A 356 7.90 -1.93 -37.77
C ALA A 356 9.08 -2.90 -37.89
N THR A 357 10.31 -2.42 -37.69
CA THR A 357 11.50 -3.26 -37.81
C THR A 357 11.69 -4.11 -36.56
N LYS A 358 11.02 -3.73 -35.46
CA LYS A 358 11.27 -4.33 -34.17
C LYS A 358 10.53 -5.67 -34.05
N PRO A 359 10.92 -6.57 -33.13
CA PRO A 359 10.13 -7.77 -32.84
C PRO A 359 8.70 -7.40 -32.47
N ALA A 360 7.77 -8.33 -32.73
CA ALA A 360 6.34 -8.13 -32.54
C ALA A 360 6.02 -7.44 -31.20
N ASP A 361 6.60 -7.94 -30.10
CA ASP A 361 6.24 -7.50 -28.77
C ASP A 361 6.66 -6.05 -28.51
N GLN A 362 7.54 -5.52 -29.38
CA GLN A 362 8.06 -4.18 -29.18
C GLN A 362 7.41 -3.20 -30.16
N GLN A 363 6.54 -3.71 -31.04
CA GLN A 363 5.87 -2.85 -31.99
C GLN A 363 4.76 -2.08 -31.28
N ARG A 364 4.46 -0.88 -31.79
CA ARG A 364 3.48 0.00 -31.18
C ARG A 364 2.63 0.62 -32.29
N GLN A 365 1.33 0.78 -32.01
CA GLN A 365 0.44 1.60 -32.84
C GLN A 365 0.58 3.06 -32.40
N LEU A 366 0.38 3.98 -33.35
CA LEU A 366 0.64 5.39 -33.12
C LEU A 366 -0.66 6.18 -33.07
N ILE A 367 -0.72 7.15 -32.15
CA ILE A 367 -1.84 8.08 -32.01
C ILE A 367 -1.26 9.49 -32.19
N PHE A 368 -2.08 10.36 -32.79
CA PHE A 368 -1.72 11.74 -33.10
C PHE A 368 -2.91 12.65 -32.81
N TRP A 369 -2.61 13.90 -32.45
CA TRP A 369 -3.66 14.93 -32.43
C TRP A 369 -4.12 15.20 -33.86
N ASN A 370 -5.34 15.74 -34.00
CA ASN A 370 -5.97 15.81 -35.31
C ASN A 370 -5.30 16.76 -36.30
N GLU A 371 -4.44 17.69 -35.85
CA GLU A 371 -3.84 18.62 -36.81
C GLU A 371 -3.02 17.88 -37.85
N VAL A 372 -2.58 16.65 -37.53
CA VAL A 372 -1.77 15.91 -38.50
C VAL A 372 -2.59 15.60 -39.76
N LEU A 373 -3.93 15.65 -39.69
CA LEU A 373 -4.77 15.39 -40.85
C LEU A 373 -4.53 16.43 -41.95
N HIS A 374 -3.95 17.59 -41.61
CA HIS A 374 -3.78 18.68 -42.57
C HIS A 374 -2.57 18.43 -43.47
N GLY A 375 -1.77 17.42 -43.13
CA GLY A 375 -0.66 17.01 -43.99
C GLY A 375 -1.13 16.05 -45.09
N ASN A 376 -0.21 15.70 -45.99
CA ASN A 376 -0.44 14.61 -46.92
C ASN A 376 -0.29 13.29 -46.16
N THR A 377 -1.39 12.83 -45.54
CA THR A 377 -1.28 11.68 -44.64
C THR A 377 -1.09 10.37 -45.40
N SER A 378 -1.19 10.41 -46.75
CA SER A 378 -0.85 9.25 -47.56
C SER A 378 0.63 8.90 -47.41
N ILE A 379 1.46 9.87 -46.99
CA ILE A 379 2.87 9.63 -46.71
C ILE A 379 2.96 8.62 -45.57
N LEU A 380 2.04 8.75 -44.60
CA LEU A 380 2.11 8.05 -43.33
C LEU A 380 1.23 6.80 -43.36
N GLY A 381 0.11 6.87 -44.09
CA GLY A 381 -0.83 5.75 -44.17
C GLY A 381 -1.99 5.92 -43.20
N ASN A 382 -2.97 5.01 -43.24
CA ASN A 382 -4.17 5.19 -42.44
C ASN A 382 -4.22 4.20 -41.26
N ASP A 383 -3.14 3.44 -41.01
CA ASP A 383 -3.10 2.59 -39.83
C ASP A 383 -2.55 3.40 -38.66
N ILE A 384 -3.25 4.49 -38.35
CA ILE A 384 -2.94 5.38 -37.25
C ILE A 384 -4.27 5.72 -36.57
N THR A 385 -4.16 6.29 -35.37
CA THR A 385 -5.32 6.75 -34.62
C THR A 385 -5.24 8.25 -34.46
N ILE A 386 -6.39 8.91 -34.67
CA ILE A 386 -6.50 10.35 -34.55
C ILE A 386 -7.25 10.69 -33.27
N MET A 387 -6.60 11.46 -32.39
CA MET A 387 -7.27 11.99 -31.23
C MET A 387 -7.79 13.39 -31.59
N ALA A 388 -9.13 13.47 -31.71
CA ALA A 388 -9.82 14.64 -32.25
C ALA A 388 -10.19 15.58 -31.11
N TRP A 389 -9.59 16.77 -31.09
CA TRP A 389 -9.73 17.69 -29.96
C TRP A 389 -10.20 19.07 -30.42
N ILE A 390 -9.74 19.53 -31.59
CA ILE A 390 -10.06 20.86 -32.09
C ILE A 390 -10.87 20.70 -33.38
N GLY A 391 -12.03 21.37 -33.44
CA GLY A 391 -13.03 21.02 -34.44
C GLY A 391 -13.23 19.50 -34.47
N ALA A 392 -13.43 18.92 -33.27
CA ALA A 392 -13.27 17.49 -33.06
C ALA A 392 -14.29 16.68 -33.86
N ASN A 393 -15.54 17.15 -33.92
CA ASN A 393 -16.58 16.38 -34.61
C ASN A 393 -16.22 16.22 -36.08
N ALA A 394 -15.81 17.32 -36.71
CA ALA A 394 -15.44 17.31 -38.13
C ALA A 394 -14.18 16.47 -38.33
N ALA A 395 -13.21 16.61 -37.42
CA ALA A 395 -11.93 15.93 -37.54
C ALA A 395 -12.10 14.42 -37.41
N ALA A 396 -12.94 13.99 -36.46
CA ALA A 396 -13.21 12.57 -36.25
C ALA A 396 -13.83 11.97 -37.51
N LYS A 397 -14.74 12.74 -38.12
CA LYS A 397 -15.42 12.27 -39.32
C LYS A 397 -14.42 12.12 -40.46
N GLN A 398 -13.52 13.10 -40.62
CA GLN A 398 -12.50 13.05 -41.66
C GLN A 398 -11.60 11.83 -41.45
N ALA A 399 -11.17 11.59 -40.21
CA ALA A 399 -10.35 10.43 -39.86
C ALA A 399 -11.06 9.15 -40.28
N ALA A 400 -12.33 9.01 -39.88
CA ALA A 400 -13.10 7.79 -40.13
C ALA A 400 -13.29 7.57 -41.63
N LYS A 401 -13.55 8.66 -42.37
CA LYS A 401 -13.73 8.58 -43.82
C LYS A 401 -12.45 8.09 -44.50
N GLN A 402 -11.29 8.34 -43.87
CA GLN A 402 -10.00 7.92 -44.38
C GLN A 402 -9.61 6.53 -43.87
N GLY A 403 -10.48 5.91 -43.07
CA GLY A 403 -10.23 4.58 -42.52
C GLY A 403 -9.35 4.56 -41.28
N MET A 404 -9.09 5.75 -40.70
CA MET A 404 -8.32 5.86 -39.47
C MET A 404 -9.26 5.70 -38.28
N ASN A 405 -8.77 5.05 -37.22
CA ASN A 405 -9.47 5.03 -35.95
C ASN A 405 -9.40 6.43 -35.33
N THR A 406 -10.39 6.74 -34.51
CA THR A 406 -10.46 8.05 -33.89
C THR A 406 -10.92 7.92 -32.44
N ILE A 407 -10.37 8.81 -31.60
CA ILE A 407 -10.78 8.98 -30.22
C ILE A 407 -11.26 10.42 -30.07
N LEU A 408 -12.43 10.61 -29.46
CA LEU A 408 -12.97 11.96 -29.30
C LEU A 408 -12.55 12.53 -27.94
N SER A 409 -11.78 13.62 -27.99
CA SER A 409 -11.44 14.39 -26.81
C SER A 409 -11.71 15.87 -27.10
N PRO A 410 -12.97 16.27 -27.40
CA PRO A 410 -13.25 17.66 -27.77
C PRO A 410 -12.87 18.67 -26.69
N GLN A 411 -12.17 19.72 -27.10
CA GLN A 411 -11.81 20.81 -26.19
C GLN A 411 -13.02 21.22 -25.35
N ILE A 412 -14.13 21.53 -26.04
CA ILE A 412 -15.40 21.77 -25.36
C ILE A 412 -16.27 20.57 -25.68
N PRO A 413 -16.77 19.81 -24.68
CA PRO A 413 -16.54 20.11 -23.26
C PRO A 413 -15.68 19.11 -22.50
N TYR A 414 -14.79 18.39 -23.18
CA TYR A 414 -14.06 17.31 -22.52
C TYR A 414 -12.69 17.76 -21.98
N TYR A 415 -12.33 19.03 -22.15
CA TYR A 415 -11.13 19.54 -21.47
C TYR A 415 -11.55 19.95 -20.05
N ILE A 416 -11.36 19.05 -19.08
CA ILE A 416 -12.01 19.22 -17.79
C ILE A 416 -11.09 19.98 -16.83
N ASN A 417 -9.99 20.53 -17.37
CA ASN A 417 -9.27 21.59 -16.67
C ASN A 417 -10.04 22.90 -16.74
N ARG A 418 -10.97 23.02 -17.70
CA ARG A 418 -11.69 24.28 -17.90
C ARG A 418 -12.66 24.51 -16.75
N LYS A 419 -13.02 25.78 -16.51
CA LYS A 419 -13.87 26.13 -15.38
C LYS A 419 -15.20 25.39 -15.51
N GLN A 420 -15.74 24.93 -14.37
CA GLN A 420 -16.98 24.16 -14.34
C GLN A 420 -18.15 25.01 -13.84
N SER A 421 -17.90 26.30 -13.63
CA SER A 421 -18.88 27.21 -13.07
C SER A 421 -18.47 28.65 -13.36
N LYS A 422 -19.47 29.53 -13.37
CA LYS A 422 -19.25 30.96 -13.57
C LYS A 422 -19.02 31.69 -12.25
N LEU A 423 -19.02 30.98 -11.12
CA LEU A 423 -18.84 31.66 -9.85
C LEU A 423 -17.49 32.37 -9.82
N PRO A 424 -17.42 33.63 -9.34
CA PRO A 424 -16.15 34.35 -9.28
C PRO A 424 -15.11 33.64 -8.43
N THR A 425 -15.58 32.80 -7.49
CA THR A 425 -14.68 32.18 -6.53
C THR A 425 -14.02 30.91 -7.07
N GLU A 426 -14.31 30.53 -8.32
CA GLU A 426 -13.67 29.35 -8.89
C GLU A 426 -12.17 29.58 -8.96
N PRO A 427 -11.35 28.51 -8.85
CA PRO A 427 -9.91 28.64 -9.07
C PRO A 427 -9.65 29.07 -10.50
N MET A 428 -8.46 29.61 -10.74
CA MET A 428 -8.09 30.03 -12.09
C MET A 428 -7.86 28.80 -12.96
N SER A 429 -8.56 28.76 -14.09
CA SER A 429 -8.22 27.87 -15.19
C SER A 429 -8.85 28.46 -16.45
N GLN A 430 -8.66 27.76 -17.57
CA GLN A 430 -9.18 28.20 -18.86
C GLN A 430 -10.70 28.17 -18.87
N GLY A 431 -11.31 28.97 -19.77
CA GLY A 431 -12.75 29.00 -19.95
C GLY A 431 -13.46 29.96 -19.00
N HIS A 432 -14.77 30.11 -19.16
CA HIS A 432 -15.51 31.13 -18.43
C HIS A 432 -16.64 30.54 -17.61
N GLY A 433 -16.70 29.20 -17.54
CA GLY A 433 -17.61 28.49 -16.66
C GLY A 433 -18.75 27.79 -17.40
N THR A 434 -18.57 27.58 -18.71
CA THR A 434 -19.58 26.94 -19.55
C THR A 434 -19.45 25.42 -19.52
N GLU A 435 -18.30 24.90 -19.08
CA GLU A 435 -18.08 23.46 -19.08
C GLU A 435 -18.57 22.87 -17.75
N THR A 436 -19.87 22.98 -17.54
CA THR A 436 -20.53 22.43 -16.36
C THR A 436 -20.61 20.91 -16.51
N VAL A 437 -20.98 20.25 -15.41
CA VAL A 437 -21.20 18.81 -15.44
C VAL A 437 -22.26 18.48 -16.49
N GLU A 438 -23.32 19.29 -16.53
CA GLU A 438 -24.39 19.11 -17.49
C GLU A 438 -23.85 19.18 -18.93
N ALA A 439 -23.03 20.20 -19.24
CA ALA A 439 -22.48 20.37 -20.56
C ALA A 439 -21.61 19.16 -20.94
N VAL A 440 -20.81 18.68 -19.99
CA VAL A 440 -19.96 17.54 -20.27
C VAL A 440 -20.84 16.32 -20.57
N TYR A 441 -21.82 16.06 -19.71
CA TYR A 441 -22.66 14.88 -19.85
C TYR A 441 -23.45 14.90 -21.15
N ASN A 442 -23.87 16.11 -21.57
CA ASN A 442 -24.80 16.23 -22.69
C ASN A 442 -24.11 16.10 -24.05
N TYR A 443 -22.79 16.13 -24.08
CA TYR A 443 -22.08 15.85 -25.33
C TYR A 443 -22.40 14.42 -25.79
N GLN A 444 -22.80 14.29 -27.06
CA GLN A 444 -23.12 13.00 -27.65
C GLN A 444 -22.07 12.64 -28.70
N PRO A 445 -21.12 11.74 -28.37
CA PRO A 445 -20.02 11.45 -29.29
C PRO A 445 -20.44 10.99 -30.69
N LEU A 446 -21.56 10.28 -30.80
CA LEU A 446 -21.90 9.72 -32.10
C LEU A 446 -23.11 10.42 -32.72
N LYS A 447 -23.46 11.61 -32.20
CA LYS A 447 -24.61 12.30 -32.78
C LYS A 447 -24.32 12.61 -34.25
N ASP A 448 -25.23 12.19 -35.14
CA ASP A 448 -25.15 12.52 -36.55
C ASP A 448 -23.95 11.85 -37.22
N VAL A 449 -23.37 10.83 -36.58
CA VAL A 449 -22.31 10.07 -37.23
C VAL A 449 -22.94 8.91 -38.02
N ASP A 450 -22.64 8.84 -39.32
CA ASP A 450 -23.14 7.79 -40.19
C ASP A 450 -22.76 6.42 -39.63
N ALA A 451 -23.70 5.48 -39.71
CA ALA A 451 -23.53 4.10 -39.26
C ALA A 451 -22.22 3.53 -39.82
N ALA A 452 -21.92 3.82 -41.08
CA ALA A 452 -20.76 3.28 -41.76
C ALA A 452 -19.45 3.76 -41.13
N LEU A 453 -19.48 4.93 -40.47
CA LEU A 453 -18.26 5.49 -39.90
C LEU A 453 -18.11 5.11 -38.42
N GLN A 454 -19.20 4.69 -37.78
CA GLN A 454 -19.19 4.51 -36.32
C GLN A 454 -18.14 3.49 -35.86
N PRO A 455 -17.85 2.39 -36.60
CA PRO A 455 -16.84 1.42 -36.16
C PRO A 455 -15.46 2.01 -35.93
N TYR A 456 -15.17 3.15 -36.56
CA TYR A 456 -13.85 3.78 -36.42
C TYR A 456 -13.75 4.55 -35.11
N TYR A 457 -14.88 4.80 -34.45
CA TYR A 457 -14.90 5.62 -33.25
C TYR A 457 -14.62 4.73 -32.05
N LYS A 458 -13.39 4.79 -31.54
CA LYS A 458 -12.93 3.82 -30.55
C LYS A 458 -13.29 4.28 -29.15
N GLY A 459 -13.56 5.58 -28.99
CA GLY A 459 -14.09 6.02 -27.71
C GLY A 459 -13.82 7.50 -27.43
N VAL A 460 -13.69 7.80 -26.15
CA VAL A 460 -13.73 9.17 -25.64
C VAL A 460 -12.64 9.33 -24.59
N GLN A 461 -12.28 10.59 -24.37
CA GLN A 461 -11.27 10.88 -23.38
C GLN A 461 -11.47 12.30 -22.85
N ALA A 462 -11.33 12.45 -21.52
CA ALA A 462 -11.24 13.76 -20.91
C ALA A 462 -9.76 14.13 -20.81
N ASN A 463 -9.45 15.38 -21.12
CA ASN A 463 -8.06 15.82 -21.06
C ASN A 463 -7.95 16.92 -20.02
N PHE A 464 -6.77 16.98 -19.39
CA PHE A 464 -6.55 17.91 -18.30
C PHE A 464 -5.20 18.60 -18.50
N TRP A 465 -5.29 19.85 -18.93
CA TRP A 465 -4.12 20.66 -19.25
C TRP A 465 -3.78 21.55 -18.06
N THR A 466 -2.49 21.71 -17.77
CA THR A 466 -2.14 22.26 -16.46
C THR A 466 -1.43 23.60 -16.53
N GLU A 467 -1.66 24.41 -17.57
CA GLU A 467 -1.05 25.72 -17.62
C GLU A 467 -1.28 26.51 -16.32
N TRP A 468 -2.52 26.45 -15.80
CA TRP A 468 -2.90 27.28 -14.67
C TRP A 468 -2.95 26.50 -13.36
N VAL A 469 -2.97 25.16 -13.46
CA VAL A 469 -3.26 24.33 -12.32
C VAL A 469 -1.95 23.81 -11.75
N THR A 470 -1.68 24.15 -10.49
CA THR A 470 -0.38 23.89 -9.90
C THR A 470 -0.51 22.97 -8.68
N GLU A 471 -1.70 22.91 -8.09
CA GLU A 471 -1.87 22.26 -6.80
C GLU A 471 -2.78 21.06 -6.96
N PRO A 472 -2.45 19.92 -6.31
CA PRO A 472 -3.30 18.72 -6.38
C PRO A 472 -4.75 18.93 -5.94
N SER A 473 -4.98 19.82 -4.97
CA SER A 473 -6.34 20.08 -4.53
C SER A 473 -7.17 20.67 -5.66
N VAL A 474 -6.53 21.51 -6.48
CA VAL A 474 -7.23 22.17 -7.56
C VAL A 474 -7.43 21.18 -8.73
N LEU A 475 -6.42 20.36 -9.00
CA LEU A 475 -6.56 19.30 -10.00
C LEU A 475 -7.81 18.47 -9.68
N GLU A 476 -7.95 18.08 -8.42
CA GLU A 476 -9.04 17.18 -8.05
C GLU A 476 -10.38 17.89 -8.14
N TYR A 477 -10.39 19.15 -7.69
CA TYR A 477 -11.58 19.98 -7.72
C TYR A 477 -12.11 20.08 -9.15
N LEU A 478 -11.19 20.19 -10.12
CA LEU A 478 -11.62 20.35 -11.52
C LEU A 478 -11.95 19.00 -12.14
N MET A 479 -11.24 17.94 -11.75
CA MET A 479 -11.48 16.61 -12.32
C MET A 479 -12.87 16.09 -11.95
N LEU A 480 -13.27 16.26 -10.69
CA LEU A 480 -14.47 15.61 -10.19
C LEU A 480 -15.57 16.64 -9.96
N PRO A 481 -16.85 16.32 -10.27
CA PRO A 481 -17.25 15.03 -10.82
C PRO A 481 -17.33 14.87 -12.34
N ARG A 482 -16.81 15.84 -13.10
CA ARG A 482 -16.92 15.78 -14.55
C ARG A 482 -16.27 14.51 -15.11
N LEU A 483 -15.22 14.01 -14.46
CA LEU A 483 -14.57 12.80 -14.93
C LEU A 483 -15.59 11.66 -15.07
N ALA A 484 -16.51 11.58 -14.11
CA ALA A 484 -17.52 10.52 -14.08
C ALA A 484 -18.48 10.67 -15.26
N ALA A 485 -18.74 11.92 -15.69
CA ALA A 485 -19.63 12.13 -16.83
C ALA A 485 -19.01 11.56 -18.10
N VAL A 486 -17.71 11.80 -18.28
CA VAL A 486 -17.01 11.30 -19.45
C VAL A 486 -16.92 9.78 -19.34
N ALA A 487 -16.64 9.27 -18.13
CA ALA A 487 -16.59 7.82 -17.95
C ALA A 487 -17.90 7.17 -18.38
N GLU A 488 -19.03 7.77 -18.00
CA GLU A 488 -20.34 7.23 -18.36
C GLU A 488 -20.58 7.37 -19.86
N ALA A 489 -20.15 8.49 -20.45
CA ALA A 489 -20.26 8.64 -21.90
C ALA A 489 -19.50 7.50 -22.59
N GLY A 490 -18.36 7.08 -22.03
CA GLY A 490 -17.55 6.03 -22.64
C GLY A 490 -18.13 4.63 -22.44
N TRP A 491 -18.85 4.43 -21.33
CA TRP A 491 -19.33 3.11 -20.95
C TRP A 491 -20.78 2.86 -21.38
N THR A 492 -21.68 3.77 -21.00
CA THR A 492 -23.10 3.54 -21.07
C THR A 492 -23.59 3.85 -22.49
N PRO A 493 -24.47 3.02 -23.11
CA PRO A 493 -24.97 3.35 -24.44
C PRO A 493 -25.78 4.65 -24.37
N GLN A 494 -25.70 5.45 -25.45
CA GLN A 494 -26.29 6.78 -25.46
C GLN A 494 -27.76 6.73 -25.05
N GLU A 495 -28.47 5.70 -25.51
CA GLU A 495 -29.91 5.65 -25.32
C GLU A 495 -30.26 5.47 -23.84
N LYS A 496 -29.29 5.05 -23.02
CA LYS A 496 -29.52 4.91 -21.58
C LYS A 496 -28.95 6.07 -20.77
N ARG A 497 -28.40 7.09 -21.44
CA ARG A 497 -27.83 8.23 -20.73
C ARG A 497 -28.90 9.30 -20.52
N ASN A 498 -28.90 9.89 -19.32
CA ASN A 498 -29.89 10.88 -18.91
C ASN A 498 -29.23 11.75 -17.85
N TYR A 499 -29.10 13.05 -18.10
CA TYR A 499 -28.37 13.90 -17.18
C TYR A 499 -29.00 13.93 -15.78
N GLU A 500 -30.32 14.08 -15.68
N GLU A 500 -30.33 14.05 -15.77
CA GLU A 500 -30.91 14.17 -14.35
CA GLU A 500 -31.11 14.12 -14.55
C GLU A 500 -30.68 12.86 -13.59
C GLU A 500 -30.83 12.90 -13.66
N ASP A 501 -30.79 11.72 -14.28
CA ASP A 501 -30.51 10.44 -13.62
C ASP A 501 -29.06 10.36 -13.14
N PHE A 502 -28.13 10.76 -14.01
CA PHE A 502 -26.73 10.79 -13.64
C PHE A 502 -26.50 11.68 -12.42
N LYS A 503 -27.14 12.85 -12.39
CA LYS A 503 -26.98 13.81 -11.31
C LYS A 503 -27.38 13.17 -9.98
N GLU A 504 -28.52 12.47 -9.96
CA GLU A 504 -28.97 11.82 -8.74
C GLU A 504 -27.96 10.76 -8.30
N ARG A 505 -27.40 10.01 -9.25
CA ARG A 505 -26.46 8.96 -8.90
C ARG A 505 -25.12 9.54 -8.45
N ILE A 506 -24.63 10.55 -9.16
CA ILE A 506 -23.28 11.02 -8.87
C ILE A 506 -23.27 11.74 -7.51
N ARG A 507 -24.44 12.26 -7.09
CA ARG A 507 -24.54 12.94 -5.81
C ARG A 507 -24.17 11.99 -4.67
N LYS A 508 -24.44 10.69 -4.87
CA LYS A 508 -24.13 9.69 -3.85
C LYS A 508 -22.62 9.49 -3.69
N ASP A 509 -21.83 9.97 -4.66
CA ASP A 509 -20.38 9.79 -4.58
C ASP A 509 -19.69 10.89 -3.78
N ALA A 510 -20.42 11.95 -3.42
CA ALA A 510 -19.82 12.97 -2.56
C ALA A 510 -19.21 12.31 -1.31
N GLU A 511 -19.95 11.37 -0.73
CA GLU A 511 -19.50 10.60 0.43
C GLU A 511 -18.20 9.85 0.12
N LEU A 512 -18.12 9.22 -1.06
CA LEU A 512 -16.93 8.50 -1.49
C LEU A 512 -15.75 9.46 -1.56
N TYR A 513 -15.95 10.61 -2.23
CA TYR A 513 -14.87 11.58 -2.36
C TYR A 513 -14.41 12.06 -0.98
N ASP A 514 -15.35 12.36 -0.09
CA ASP A 514 -15.04 12.82 1.25
C ASP A 514 -14.19 11.79 2.01
N LEU A 515 -14.56 10.51 1.91
CA LEU A 515 -13.84 9.45 2.61
C LEU A 515 -12.42 9.29 2.08
N LYS A 516 -12.23 9.54 0.77
CA LYS A 516 -10.91 9.41 0.15
C LYS A 516 -10.07 10.67 0.35
N GLY A 517 -10.69 11.77 0.80
CA GLY A 517 -10.03 13.05 0.92
C GLY A 517 -9.76 13.68 -0.45
N TRP A 518 -10.62 13.38 -1.43
CA TRP A 518 -10.51 13.97 -2.75
C TRP A 518 -11.30 15.29 -2.76
N ASN A 519 -10.73 16.32 -3.39
CA ASN A 519 -11.50 17.53 -3.65
C ASN A 519 -12.39 17.28 -4.87
N TYR A 520 -13.42 18.12 -5.02
CA TYR A 520 -14.39 18.00 -6.11
C TYR A 520 -15.25 19.27 -6.15
N GLY A 521 -15.73 19.61 -7.35
CA GLY A 521 -16.69 20.69 -7.50
C GLY A 521 -18.00 20.36 -6.81
N LYS A 522 -18.53 21.33 -6.06
CA LYS A 522 -19.69 21.08 -5.20
C LYS A 522 -20.98 21.56 -5.87
N HIS A 523 -20.91 22.06 -7.12
CA HIS A 523 -22.02 22.80 -7.70
C HIS A 523 -23.29 21.96 -7.82
N ILE A 524 -23.13 20.66 -8.11
CA ILE A 524 -24.30 19.81 -8.29
C ILE A 524 -24.53 18.90 -7.08
N MET A 525 -23.75 19.11 -6.02
CA MET A 525 -23.79 18.30 -4.81
C MET A 525 -24.56 19.04 -3.69
N GLU B 3 33.65 -3.63 4.87
CA GLU B 3 32.46 -4.48 4.58
C GLU B 3 31.52 -4.51 5.78
N ILE B 4 31.22 -3.33 6.33
CA ILE B 4 30.40 -3.15 7.51
C ILE B 4 28.94 -3.37 7.10
N ALA B 5 28.20 -4.16 7.89
CA ALA B 5 26.80 -4.41 7.60
C ALA B 5 26.01 -4.41 8.90
N LEU B 6 25.38 -3.26 9.19
CA LEU B 6 24.64 -3.09 10.42
C LEU B 6 23.14 -3.03 10.12
N THR B 7 22.37 -3.86 10.83
CA THR B 7 20.93 -3.92 10.69
C THR B 7 20.31 -4.04 12.09
N PRO B 8 19.43 -3.11 12.52
CA PRO B 8 19.03 -1.94 11.73
C PRO B 8 20.15 -0.92 11.51
N GLN B 9 20.05 -0.24 10.36
CA GLN B 9 20.95 0.83 9.99
C GLN B 9 20.94 1.90 11.08
N PRO B 10 22.10 2.22 11.70
CA PRO B 10 22.15 3.28 12.71
C PRO B 10 21.82 4.66 12.15
N ALA B 11 21.36 5.55 13.05
CA ALA B 11 21.00 6.91 12.70
C ALA B 11 22.21 7.67 12.15
N HIS B 12 23.40 7.37 12.67
CA HIS B 12 24.60 8.05 12.24
C HIS B 12 25.77 7.09 12.34
N LEU B 13 26.44 6.89 11.19
N LEU B 13 26.48 6.88 11.21
CA LEU B 13 27.63 6.07 11.07
CA LEU B 13 27.67 6.04 11.22
C LEU B 13 28.67 6.89 10.32
C LEU B 13 28.74 6.63 10.30
N THR B 14 29.88 6.99 10.89
CA THR B 14 31.03 7.50 10.19
C THR B 14 32.15 6.46 10.33
N VAL B 15 32.75 6.06 9.19
CA VAL B 15 33.86 5.11 9.25
C VAL B 15 35.16 5.92 9.29
N LYS B 16 36.10 5.46 10.12
CA LYS B 16 37.35 6.16 10.31
C LYS B 16 38.50 5.26 9.89
N ASP B 17 39.72 5.81 9.97
CA ASP B 17 40.95 5.12 9.62
C ASP B 17 41.32 4.14 10.71
N GLY B 18 41.81 2.95 10.31
CA GLY B 18 42.43 2.02 11.24
C GLY B 18 41.46 1.01 11.85
N ARG B 19 42.00 0.14 12.72
CA ARG B 19 41.22 -0.91 13.34
C ARG B 19 41.64 -1.05 14.79
N PHE B 20 40.67 -1.43 15.62
CA PHE B 20 40.89 -1.83 17.00
C PHE B 20 41.14 -3.34 17.05
N GLU B 21 42.28 -3.75 17.62
CA GLU B 21 42.63 -5.16 17.75
C GLU B 21 42.38 -5.59 19.20
N PHE B 22 41.61 -6.66 19.41
CA PHE B 22 41.27 -7.06 20.76
C PHE B 22 42.46 -7.62 21.56
N GLY B 23 43.34 -8.37 20.89
CA GLY B 23 44.25 -9.25 21.62
C GLY B 23 43.48 -10.41 22.23
N ASN B 24 44.12 -11.14 23.16
CA ASN B 24 43.51 -12.30 23.79
C ASN B 24 42.71 -11.87 25.02
N GLN B 25 43.08 -10.71 25.57
CA GLN B 25 42.44 -10.24 26.78
C GLN B 25 42.61 -8.73 26.88
N LEU B 26 41.66 -8.07 27.54
CA LEU B 26 41.75 -6.63 27.68
C LEU B 26 40.97 -6.19 28.91
N LYS B 27 41.23 -4.94 29.35
CA LYS B 27 40.56 -4.37 30.51
C LYS B 27 39.42 -3.46 30.06
N ALA B 28 38.33 -3.50 30.84
CA ALA B 28 37.16 -2.67 30.61
C ALA B 28 36.82 -1.86 31.87
N LYS B 29 36.41 -0.60 31.65
CA LYS B 29 35.89 0.25 32.71
C LYS B 29 34.39 0.44 32.45
N VAL B 30 33.57 0.04 33.42
CA VAL B 30 32.12 0.10 33.25
C VAL B 30 31.50 0.90 34.41
N THR B 31 30.67 1.88 34.06
CA THR B 31 30.02 2.73 35.04
C THR B 31 29.29 1.86 36.07
N PRO B 32 29.45 2.15 37.38
CA PRO B 32 28.71 1.43 38.42
C PRO B 32 27.26 1.87 38.60
N TYR B 33 26.88 2.98 37.95
CA TYR B 33 25.64 3.68 38.31
C TYR B 33 24.41 2.88 37.88
N GLN B 34 23.24 3.32 38.33
CA GLN B 34 22.03 2.51 38.30
C GLN B 34 22.30 1.28 39.17
N GLY B 35 21.43 0.28 39.18
CA GLY B 35 21.57 -0.78 40.17
C GLY B 35 22.70 -1.77 39.85
N ASP B 36 23.86 -1.26 39.40
CA ASP B 36 24.90 -2.10 38.83
C ASP B 36 24.36 -2.78 37.56
N SER B 37 23.24 -2.25 37.06
CA SER B 37 22.56 -2.87 35.94
C SER B 37 23.39 -2.79 34.66
N ILE B 38 24.22 -1.75 34.53
CA ILE B 38 25.05 -1.58 33.34
C ILE B 38 26.13 -2.66 33.35
N ARG B 39 26.73 -2.89 34.53
CA ARG B 39 27.75 -3.92 34.66
C ARG B 39 27.16 -5.29 34.33
N MET B 40 25.89 -5.51 34.68
CA MET B 40 25.25 -6.78 34.42
C MET B 40 25.04 -6.99 32.91
N VAL B 41 24.69 -5.92 32.19
CA VAL B 41 24.59 -5.99 30.74
C VAL B 41 25.93 -6.40 30.16
N PHE B 42 26.99 -5.77 30.66
CA PHE B 42 28.33 -6.00 30.14
C PHE B 42 28.80 -7.42 30.48
N GLU B 43 28.44 -7.92 31.67
CA GLU B 43 28.83 -9.28 32.03
C GLU B 43 28.27 -10.28 31.04
N SER B 44 27.01 -10.08 30.62
CA SER B 44 26.37 -10.95 29.65
C SER B 44 27.07 -10.87 28.30
N PHE B 45 27.47 -9.66 27.89
CA PHE B 45 28.26 -9.47 26.68
C PHE B 45 29.60 -10.21 26.77
N LYS B 46 30.23 -10.18 27.94
CA LYS B 46 31.51 -10.87 28.10
C LYS B 46 31.35 -12.36 27.82
N LYS B 47 30.25 -12.95 28.30
CA LYS B 47 29.98 -14.35 28.03
C LYS B 47 29.87 -14.60 26.52
N GLU B 48 29.08 -13.76 25.84
CA GLU B 48 28.86 -13.88 24.41
C GLU B 48 30.18 -13.76 23.65
N LEU B 49 31.00 -12.77 24.04
CA LEU B 49 32.26 -12.54 23.35
C LEU B 49 33.18 -13.75 23.55
N GLN B 50 33.28 -14.24 24.79
CA GLN B 50 34.16 -15.36 25.05
C GLN B 50 33.72 -16.60 24.27
N GLU B 51 32.40 -16.86 24.22
CA GLU B 51 31.89 -18.05 23.56
C GLU B 51 32.31 -18.05 22.09
N ALA B 52 32.24 -16.87 21.46
CA ALA B 52 32.44 -16.80 20.03
C ALA B 52 33.92 -16.64 19.64
N THR B 53 34.76 -16.11 20.55
CA THR B 53 36.09 -15.65 20.17
C THR B 53 37.19 -16.07 21.16
N GLY B 54 36.79 -16.49 22.37
CA GLY B 54 37.78 -16.85 23.39
C GLY B 54 38.37 -15.65 24.13
N ILE B 55 38.02 -14.43 23.71
CA ILE B 55 38.57 -13.22 24.33
C ILE B 55 38.06 -13.11 25.77
N LYS B 56 38.96 -12.74 26.69
CA LYS B 56 38.62 -12.53 28.09
C LYS B 56 38.81 -11.06 28.47
N VAL B 57 37.90 -10.55 29.30
CA VAL B 57 37.88 -9.14 29.68
C VAL B 57 37.94 -9.03 31.20
N SER B 58 38.87 -8.20 31.69
CA SER B 58 38.98 -7.90 33.10
C SER B 58 38.42 -6.50 33.36
N SER B 59 38.32 -6.11 34.65
CA SER B 59 37.73 -4.84 35.01
C SER B 59 38.81 -3.89 35.55
N THR B 60 38.70 -2.61 35.19
CA THR B 60 39.58 -1.58 35.73
C THR B 60 38.75 -0.34 36.10
N GLN B 61 39.25 0.43 37.07
CA GLN B 61 38.67 1.72 37.40
C GLN B 61 39.39 2.84 36.64
N LYS B 62 40.46 2.47 35.92
CA LYS B 62 41.37 3.46 35.34
C LYS B 62 41.11 3.61 33.85
N GLU B 63 40.54 4.75 33.45
CA GLU B 63 40.23 5.06 32.07
C GLU B 63 41.47 4.86 31.20
N ALA B 64 42.65 5.19 31.76
CA ALA B 64 43.91 5.14 31.05
C ALA B 64 44.28 3.71 30.65
N LYS B 65 43.81 2.72 31.42
CA LYS B 65 44.17 1.33 31.18
C LYS B 65 43.06 0.59 30.45
N ALA B 66 41.89 1.24 30.33
CA ALA B 66 40.71 0.59 29.79
C ALA B 66 40.75 0.61 28.26
N ARG B 67 40.60 -0.56 27.64
CA ARG B 67 40.48 -0.62 26.19
C ARG B 67 39.02 -0.57 25.77
N ILE B 68 38.10 -0.89 26.69
CA ILE B 68 36.67 -0.71 26.51
C ILE B 68 36.14 0.11 27.67
N ILE B 69 35.40 1.19 27.38
CA ILE B 69 34.81 2.01 28.42
C ILE B 69 33.32 2.17 28.13
N LEU B 70 32.49 1.92 29.15
CA LEU B 70 31.06 2.23 29.14
C LEU B 70 30.83 3.36 30.15
N ASP B 71 30.46 4.54 29.62
CA ASP B 71 30.21 5.74 30.41
C ASP B 71 28.73 6.10 30.33
N LEU B 72 28.24 6.66 31.44
CA LEU B 72 26.89 7.19 31.55
C LEU B 72 26.83 8.58 30.94
N ASN B 73 25.88 8.78 30.01
CA ASN B 73 25.58 10.09 29.45
C ASN B 73 24.08 10.32 29.58
N PRO B 74 23.64 11.04 30.64
CA PRO B 74 22.23 11.15 30.99
C PRO B 74 21.41 11.98 30.00
N GLN B 75 22.10 12.66 29.07
CA GLN B 75 21.44 13.48 28.06
C GLN B 75 20.83 12.63 26.95
N LEU B 76 21.32 11.38 26.79
CA LEU B 76 20.86 10.53 25.69
C LEU B 76 19.47 9.98 25.96
N PRO B 77 18.63 9.80 24.91
CA PRO B 77 17.35 9.09 25.05
C PRO B 77 17.52 7.66 25.59
N ALA B 78 16.40 7.06 26.01
CA ALA B 78 16.44 5.86 26.86
C ALA B 78 17.00 4.64 26.14
N GLU B 79 16.96 4.63 24.80
CA GLU B 79 17.45 3.49 24.03
C GLU B 79 18.61 3.92 23.12
N ALA B 80 19.10 5.15 23.33
CA ALA B 80 20.14 5.70 22.48
C ALA B 80 21.53 5.34 22.99
N TYR B 81 22.52 5.42 22.08
CA TYR B 81 23.90 5.21 22.50
C TYR B 81 24.83 5.94 21.53
N LYS B 82 26.06 6.15 21.98
CA LYS B 82 27.18 6.46 21.11
C LYS B 82 28.19 5.33 21.24
N LEU B 83 28.78 4.96 20.09
CA LEU B 83 29.80 3.93 20.03
C LEU B 83 30.93 4.48 19.18
N ASN B 84 32.08 4.68 19.82
CA ASN B 84 33.26 5.20 19.15
C ASN B 84 34.37 4.18 19.29
N VAL B 85 34.94 3.77 18.15
CA VAL B 85 36.02 2.80 18.11
C VAL B 85 37.21 3.49 17.47
N SER B 86 38.34 3.49 18.16
CA SER B 86 39.61 3.96 17.61
C SER B 86 40.60 2.81 17.79
N LYS B 87 41.84 3.03 17.33
CA LYS B 87 42.90 2.05 17.47
C LYS B 87 43.10 1.72 18.95
N LYS B 88 42.90 2.71 19.82
CA LYS B 88 43.29 2.57 21.21
C LYS B 88 42.15 2.06 22.09
N GLN B 89 40.90 2.43 21.75
CA GLN B 89 39.81 2.28 22.70
C GLN B 89 38.46 2.15 22.00
N VAL B 90 37.59 1.34 22.60
CA VAL B 90 36.16 1.34 22.31
C VAL B 90 35.48 2.12 23.43
N ARG B 91 34.72 3.17 23.06
CA ARG B 91 34.01 3.97 24.04
C ARG B 91 32.53 3.92 23.72
N ILE B 92 31.72 3.60 24.74
CA ILE B 92 30.27 3.55 24.64
C ILE B 92 29.68 4.51 25.68
N GLU B 93 28.70 5.31 25.22
CA GLU B 93 27.92 6.16 26.10
C GLU B 93 26.44 5.81 25.91
N ALA B 94 25.69 5.79 27.00
CA ALA B 94 24.26 5.60 27.01
C ALA B 94 23.72 6.16 28.32
N SER B 95 22.39 6.28 28.42
CA SER B 95 21.76 6.81 29.64
C SER B 95 21.13 5.69 30.44
N ARG B 96 20.80 4.57 29.77
CA ARG B 96 20.05 3.49 30.39
C ARG B 96 20.61 2.14 29.97
N PRO B 97 20.35 1.05 30.75
CA PRO B 97 20.81 -0.29 30.38
C PRO B 97 20.49 -0.71 28.94
N ALA B 98 19.26 -0.44 28.47
CA ALA B 98 18.90 -0.82 27.11
C ALA B 98 19.85 -0.18 26.09
N GLY B 99 20.23 1.10 26.33
CA GLY B 99 21.14 1.79 25.43
C GLY B 99 22.50 1.13 25.34
N PHE B 100 23.03 0.69 26.49
CA PHE B 100 24.30 -0.03 26.50
C PHE B 100 24.14 -1.36 25.78
N TYR B 101 23.01 -2.02 26.03
CA TYR B 101 22.74 -3.31 25.39
C TYR B 101 22.77 -3.14 23.87
N TYR B 102 22.07 -2.11 23.37
CA TYR B 102 22.01 -1.88 21.92
C TYR B 102 23.38 -1.52 21.37
N ALA B 103 24.16 -0.72 22.13
CA ALA B 103 25.51 -0.39 21.69
C ALA B 103 26.32 -1.67 21.52
N LEU B 104 26.17 -2.62 22.45
CA LEU B 104 26.94 -3.85 22.39
C LEU B 104 26.43 -4.77 21.28
N GLN B 105 25.12 -4.72 20.96
CA GLN B 105 24.59 -5.43 19.81
C GLN B 105 25.29 -4.92 18.54
N THR B 106 25.41 -3.59 18.41
CA THR B 106 26.04 -3.01 17.23
C THR B 106 27.52 -3.40 17.18
N LEU B 107 28.18 -3.34 18.34
CA LEU B 107 29.57 -3.75 18.43
C LEU B 107 29.73 -5.16 17.88
N LYS B 108 28.85 -6.09 18.31
CA LYS B 108 28.96 -7.47 17.86
C LYS B 108 28.73 -7.56 16.35
N GLN B 109 27.85 -6.70 15.83
CA GLN B 109 27.50 -6.76 14.41
C GLN B 109 28.65 -6.23 13.54
N LEU B 110 29.59 -5.49 14.14
CA LEU B 110 30.75 -5.00 13.42
C LEU B 110 31.79 -6.11 13.29
N MET B 111 31.58 -7.23 13.99
CA MET B 111 32.52 -8.34 13.97
C MET B 111 32.01 -9.40 13.00
N PRO B 112 32.79 -10.45 12.65
CA PRO B 112 32.30 -11.53 11.79
C PRO B 112 31.02 -12.10 12.41
N ARG B 113 30.14 -12.64 11.56
CA ARG B 113 28.78 -12.98 11.95
C ARG B 113 28.71 -14.07 13.01
N ASN B 114 29.78 -14.86 13.17
CA ASN B 114 29.75 -15.90 14.20
C ASN B 114 29.63 -15.29 15.59
N VAL B 115 30.11 -14.05 15.76
CA VAL B 115 30.04 -13.40 17.07
C VAL B 115 28.58 -13.14 17.45
N MET B 116 27.81 -12.56 16.53
CA MET B 116 26.39 -12.36 16.81
C MET B 116 25.70 -13.71 16.98
N ALA B 117 26.18 -14.75 16.29
CA ALA B 117 25.58 -16.08 16.36
C ALA B 117 25.88 -16.77 17.70
N GLY B 118 26.93 -16.33 18.39
CA GLY B 118 27.34 -16.97 19.63
C GLY B 118 28.03 -18.32 19.41
N VAL B 119 28.73 -18.47 18.27
CA VAL B 119 29.35 -19.73 17.91
C VAL B 119 30.80 -19.47 17.50
N ALA B 120 31.71 -20.37 17.88
CA ALA B 120 33.10 -20.30 17.47
C ALA B 120 33.23 -20.81 16.03
N THR B 121 34.24 -20.27 15.34
CA THR B 121 34.57 -20.51 13.96
C THR B 121 36.04 -20.90 13.89
N SER B 122 36.41 -21.65 12.84
CA SER B 122 37.81 -21.88 12.54
C SER B 122 38.32 -20.81 11.57
N ASP B 123 37.43 -19.89 11.16
CA ASP B 123 37.70 -18.93 10.10
C ASP B 123 38.62 -17.79 10.57
N HIS B 124 38.41 -17.31 11.80
CA HIS B 124 39.17 -16.18 12.32
C HIS B 124 39.90 -16.58 13.59
N SER B 125 41.07 -15.97 13.81
CA SER B 125 41.96 -16.34 14.91
C SER B 125 42.34 -15.09 15.71
N GLN B 126 42.43 -13.96 15.01
CA GLN B 126 42.66 -12.65 15.61
C GLN B 126 41.47 -11.77 15.27
N TRP B 127 41.02 -11.01 16.26
CA TRP B 127 39.74 -10.32 16.22
C TRP B 127 39.96 -8.81 16.28
N SER B 128 39.09 -8.09 15.58
CA SER B 128 39.25 -6.65 15.47
C SER B 128 37.91 -5.98 15.18
N LEU B 129 37.89 -4.65 15.30
CA LEU B 129 36.76 -3.81 14.93
C LEU B 129 37.27 -2.72 13.99
N PRO B 130 36.44 -2.26 13.03
CA PRO B 130 36.80 -1.07 12.27
C PRO B 130 36.62 0.15 13.16
N SER B 131 37.47 1.17 12.96
CA SER B 131 37.29 2.45 13.63
C SER B 131 36.03 3.11 13.07
N VAL B 132 35.16 3.56 13.98
CA VAL B 132 33.88 4.14 13.61
C VAL B 132 33.48 5.16 14.68
N GLU B 133 32.61 6.08 14.26
CA GLU B 133 31.82 6.93 15.15
C GLU B 133 30.36 6.64 14.82
N ILE B 134 29.64 6.15 15.83
CA ILE B 134 28.23 5.84 15.68
C ILE B 134 27.47 6.61 16.76
N GLU B 135 26.38 7.26 16.35
CA GLU B 135 25.39 7.79 17.27
C GLU B 135 24.06 7.26 16.81
N ASP B 136 23.30 6.67 17.74
CA ASP B 136 22.17 5.88 17.30
C ASP B 136 21.07 5.98 18.34
N ALA B 137 19.84 5.90 17.85
CA ALA B 137 18.65 5.95 18.67
C ALA B 137 17.53 5.45 17.79
N PRO B 138 16.53 4.74 18.33
CA PRO B 138 15.44 4.25 17.50
C PRO B 138 14.47 5.39 17.14
N ARG B 139 13.96 5.34 15.90
CA ARG B 139 12.90 6.24 15.47
C ARG B 139 11.64 6.06 16.32
N PHE B 140 11.29 4.79 16.61
CA PHE B 140 10.07 4.50 17.34
C PHE B 140 10.35 3.72 18.62
N GLU B 141 9.56 4.01 19.67
CA GLU B 141 9.70 3.38 20.98
C GLU B 141 9.12 1.96 20.98
N TRP B 142 8.21 1.65 20.05
CA TRP B 142 7.57 0.35 20.00
C TRP B 142 8.01 -0.37 18.73
N ARG B 143 8.78 -1.44 18.88
CA ARG B 143 9.30 -2.17 17.74
C ARG B 143 9.02 -3.63 18.02
N GLY B 144 7.90 -4.12 17.46
CA GLY B 144 7.24 -5.29 18.02
C GLY B 144 7.18 -6.49 17.08
N PHE B 145 7.00 -7.67 17.69
CA PHE B 145 6.61 -8.89 17.00
C PHE B 145 5.53 -9.57 17.82
N MET B 146 4.44 -9.96 17.17
CA MET B 146 3.38 -10.74 17.80
C MET B 146 3.40 -12.18 17.29
N LEU B 147 3.28 -13.14 18.21
CA LEU B 147 3.08 -14.52 17.82
C LEU B 147 1.75 -15.02 18.37
N ASP B 148 0.96 -15.59 17.46
CA ASP B 148 -0.30 -16.29 17.72
C ASP B 148 0.03 -17.73 18.12
N GLU B 149 -0.14 -18.05 19.40
CA GLU B 149 -0.04 -19.44 19.83
C GLU B 149 -1.42 -20.05 20.11
N GLY B 150 -2.50 -19.27 19.92
CA GLY B 150 -3.83 -19.83 20.02
C GLY B 150 -4.13 -20.87 18.94
N ARG B 151 -3.72 -20.56 17.70
CA ARG B 151 -4.03 -21.42 16.56
C ARG B 151 -3.13 -22.65 16.59
N HIS B 152 -1.81 -22.45 16.65
CA HIS B 152 -0.89 -23.55 16.89
C HIS B 152 0.08 -23.15 17.98
N PHE B 153 0.39 -24.13 18.83
CA PHE B 153 1.20 -23.94 20.01
C PHE B 153 2.63 -24.38 19.72
N PHE B 154 3.58 -23.52 20.06
CA PHE B 154 4.97 -23.76 19.73
C PHE B 154 5.79 -24.09 20.98
N GLY B 155 5.46 -23.44 22.10
CA GLY B 155 6.11 -23.78 23.35
C GLY B 155 7.41 -23.01 23.62
N LYS B 156 7.94 -23.25 24.83
CA LYS B 156 8.96 -22.43 25.45
C LYS B 156 10.25 -22.37 24.63
N ASP B 157 10.74 -23.51 24.13
CA ASP B 157 12.03 -23.51 23.44
C ASP B 157 11.96 -22.65 22.19
N GLU B 158 10.83 -22.73 21.49
CA GLU B 158 10.69 -21.99 20.24
C GLU B 158 10.52 -20.50 20.54
N ILE B 159 9.78 -20.18 21.61
CA ILE B 159 9.56 -18.78 21.97
C ILE B 159 10.91 -18.14 22.32
N LYS B 160 11.77 -18.89 23.01
CA LYS B 160 13.12 -18.42 23.29
C LYS B 160 13.88 -18.10 22.00
N ARG B 161 13.73 -18.94 20.97
CA ARG B 161 14.34 -18.67 19.67
C ARG B 161 13.78 -17.40 19.04
N VAL B 162 12.47 -17.21 19.12
CA VAL B 162 11.83 -16.00 18.61
C VAL B 162 12.44 -14.77 19.28
N ILE B 163 12.55 -14.83 20.61
CA ILE B 163 13.11 -13.73 21.38
C ILE B 163 14.55 -13.45 20.93
N ASP B 164 15.34 -14.52 20.73
CA ASP B 164 16.71 -14.40 20.23
C ASP B 164 16.73 -13.64 18.90
N MET B 165 15.81 -13.97 18.00
CA MET B 165 15.77 -13.37 16.66
C MET B 165 15.44 -11.89 16.77
N MET B 166 14.43 -11.58 17.59
CA MET B 166 13.99 -10.19 17.77
C MET B 166 15.17 -9.36 18.27
N ALA B 167 15.93 -9.93 19.22
CA ALA B 167 16.99 -9.21 19.90
C ALA B 167 18.15 -8.84 18.95
N ILE B 168 18.45 -9.73 18.00
CA ILE B 168 19.45 -9.43 16.98
C ILE B 168 19.17 -8.06 16.35
N TYR B 169 17.89 -7.77 16.12
CA TYR B 169 17.50 -6.63 15.32
C TYR B 169 16.93 -5.51 16.19
N LYS B 170 17.21 -5.56 17.50
CA LYS B 170 16.88 -4.48 18.43
C LYS B 170 15.37 -4.29 18.59
N MET B 171 14.58 -5.32 18.31
CA MET B 171 13.16 -5.24 18.62
C MET B 171 12.97 -5.37 20.12
N ASN B 172 11.94 -4.71 20.66
CA ASN B 172 11.84 -4.56 22.10
C ASN B 172 10.46 -4.91 22.66
N ARG B 173 9.52 -5.34 21.81
CA ARG B 173 8.18 -5.64 22.29
C ARG B 173 7.74 -6.97 21.69
N PHE B 174 7.49 -7.96 22.55
CA PHE B 174 6.92 -9.23 22.15
C PHE B 174 5.46 -9.28 22.59
N HIS B 175 4.57 -9.36 21.59
CA HIS B 175 3.14 -9.40 21.83
C HIS B 175 2.70 -10.86 21.75
N TRP B 176 2.21 -11.39 22.88
CA TRP B 176 1.92 -12.81 22.98
C TRP B 176 0.41 -13.04 22.87
N HIS B 177 -0.02 -13.49 21.68
CA HIS B 177 -1.43 -13.74 21.40
C HIS B 177 -1.77 -15.15 21.86
N LEU B 178 -2.20 -15.28 23.12
CA LEU B 178 -2.24 -16.53 23.86
C LEU B 178 -3.61 -17.18 23.83
N THR B 179 -4.64 -16.44 23.40
CA THR B 179 -6.00 -16.92 23.55
C THR B 179 -6.80 -16.69 22.26
N GLU B 180 -7.62 -17.68 21.91
CA GLU B 180 -8.28 -17.69 20.61
C GLU B 180 -9.51 -18.59 20.61
N ASP B 181 -10.20 -18.61 19.47
CA ASP B 181 -11.33 -19.51 19.32
C ASP B 181 -10.87 -20.97 19.39
N GLN B 182 -9.62 -21.22 18.98
CA GLN B 182 -9.14 -22.58 18.75
C GLN B 182 -8.19 -23.02 19.85
N GLY B 183 -8.02 -22.18 20.88
CA GLY B 183 -7.18 -22.60 21.99
C GLY B 183 -6.86 -21.47 22.95
N TRP B 184 -6.63 -21.87 24.20
CA TRP B 184 -6.31 -20.99 25.31
C TRP B 184 -5.02 -21.52 25.91
N ARG B 185 -3.97 -20.70 25.92
CA ARG B 185 -2.64 -21.25 26.12
C ARG B 185 -1.95 -20.80 27.42
N ILE B 186 -2.69 -20.15 28.33
CA ILE B 186 -2.08 -19.69 29.57
C ILE B 186 -2.86 -20.18 30.79
N GLU B 187 -2.16 -20.84 31.71
CA GLU B 187 -2.75 -21.34 32.94
C GLU B 187 -3.28 -20.17 33.77
N ILE B 188 -4.56 -20.26 34.14
CA ILE B 188 -5.19 -19.32 35.07
C ILE B 188 -5.71 -20.14 36.24
N LYS B 189 -5.13 -19.90 37.43
CA LYS B 189 -5.39 -20.74 38.60
C LYS B 189 -6.87 -20.73 39.00
N LYS B 190 -7.52 -19.56 38.93
CA LYS B 190 -8.91 -19.44 39.36
C LYS B 190 -9.88 -20.10 38.37
N TYR B 191 -9.41 -20.36 37.13
CA TYR B 191 -10.26 -20.91 36.08
C TYR B 191 -9.53 -22.05 35.37
N PRO B 192 -9.33 -23.18 36.06
CA PRO B 192 -8.46 -24.24 35.56
C PRO B 192 -8.91 -24.85 34.23
N LYS B 193 -10.23 -24.78 33.95
CA LYS B 193 -10.76 -25.37 32.73
C LYS B 193 -10.29 -24.63 31.48
N LEU B 194 -9.80 -23.38 31.63
CA LEU B 194 -9.38 -22.65 30.45
C LEU B 194 -8.29 -23.44 29.72
N THR B 195 -7.40 -24.07 30.51
CA THR B 195 -6.39 -24.94 29.94
C THR B 195 -6.88 -26.39 29.86
N GLU B 196 -7.48 -26.92 30.93
CA GLU B 196 -7.86 -28.32 30.93
C GLU B 196 -8.79 -28.63 29.75
N THR B 197 -9.70 -27.69 29.44
CA THR B 197 -10.58 -27.82 28.29
C THR B 197 -10.00 -27.06 27.09
N GLY B 198 -9.69 -25.77 27.29
CA GLY B 198 -9.37 -24.86 26.19
C GLY B 198 -8.02 -25.10 25.51
N ALA B 199 -7.09 -25.80 26.15
CA ALA B 199 -5.75 -25.95 25.59
C ALA B 199 -5.64 -27.18 24.70
N TRP B 200 -6.74 -27.94 24.54
CA TRP B 200 -6.74 -29.20 23.81
C TRP B 200 -7.93 -29.26 22.87
N ARG B 201 -7.71 -29.84 21.69
CA ARG B 201 -8.80 -29.98 20.72
C ARG B 201 -8.53 -31.22 19.86
N ASN B 202 -9.56 -31.65 19.13
CA ASN B 202 -9.48 -32.87 18.34
C ASN B 202 -9.18 -32.58 16.88
N SER B 203 -8.25 -31.65 16.65
CA SER B 203 -7.69 -31.46 15.32
C SER B 203 -6.40 -30.65 15.44
N LYS B 204 -5.37 -31.10 14.71
CA LYS B 204 -4.15 -30.32 14.55
C LYS B 204 -4.39 -29.24 13.51
N VAL B 205 -4.77 -29.65 12.29
CA VAL B 205 -5.11 -28.68 11.26
C VAL B 205 -6.41 -27.96 11.64
N LEU B 206 -6.53 -26.72 11.17
CA LEU B 206 -7.76 -25.99 11.36
C LEU B 206 -8.47 -25.86 10.02
N ALA B 207 -9.76 -26.23 10.02
CA ALA B 207 -10.57 -26.32 8.81
C ALA B 207 -10.80 -24.94 8.21
N TYR B 208 -10.78 -24.86 6.88
CA TYR B 208 -11.16 -23.63 6.21
C TYR B 208 -11.41 -23.98 4.75
N GLY B 209 -12.47 -23.38 4.16
CA GLY B 209 -12.81 -23.72 2.78
C GLY B 209 -13.19 -25.20 2.72
N ASP B 210 -12.44 -25.95 1.90
CA ASP B 210 -12.70 -27.36 1.71
C ASP B 210 -11.83 -28.21 2.66
N VAL B 211 -10.88 -27.57 3.36
CA VAL B 211 -10.02 -28.29 4.30
C VAL B 211 -10.84 -28.64 5.54
N LYS B 212 -10.78 -29.92 5.96
CA LYS B 212 -11.59 -30.40 7.07
C LYS B 212 -10.71 -30.75 8.27
N PRO B 213 -11.28 -30.81 9.51
CA PRO B 213 -10.50 -31.23 10.68
C PRO B 213 -9.94 -32.65 10.51
N ASP B 214 -8.86 -32.96 11.22
CA ASP B 214 -8.10 -34.18 11.01
C ASP B 214 -8.30 -35.19 12.15
N GLY B 215 -8.98 -34.78 13.22
CA GLY B 215 -9.33 -35.71 14.29
C GLY B 215 -8.20 -36.00 15.28
N GLU B 216 -7.01 -35.43 15.05
CA GLU B 216 -5.87 -35.70 15.92
C GLU B 216 -5.94 -34.81 17.16
N ARG B 217 -5.78 -35.41 18.35
CA ARG B 217 -5.67 -34.64 19.57
C ARG B 217 -4.46 -33.73 19.48
N TYR B 218 -4.67 -32.45 19.81
CA TYR B 218 -3.62 -31.46 19.62
C TYR B 218 -3.73 -30.37 20.67
N GLY B 219 -2.59 -29.97 21.22
CA GLY B 219 -2.58 -28.72 21.95
C GLY B 219 -1.37 -28.58 22.89
N GLY B 220 -1.62 -27.90 24.00
CA GLY B 220 -0.56 -27.50 24.89
C GLY B 220 -0.83 -26.13 25.49
N PHE B 221 -0.09 -25.83 26.56
CA PHE B 221 -0.26 -24.53 27.22
C PHE B 221 0.97 -24.26 28.07
N TYR B 222 1.04 -23.01 28.52
CA TYR B 222 2.10 -22.58 29.42
C TYR B 222 1.58 -22.56 30.85
N THR B 223 2.36 -23.20 31.74
CA THR B 223 2.14 -23.00 33.16
C THR B 223 2.58 -21.59 33.54
N GLN B 224 2.14 -21.14 34.71
CA GLN B 224 2.55 -19.83 35.20
C GLN B 224 4.07 -19.78 35.38
N LYS B 225 4.66 -20.90 35.81
CA LYS B 225 6.10 -20.99 35.97
C LYS B 225 6.79 -20.77 34.63
N ASP B 226 6.27 -21.42 33.57
CA ASP B 226 6.74 -21.25 32.20
C ASP B 226 6.67 -19.78 31.78
N ILE B 227 5.53 -19.13 32.05
CA ILE B 227 5.37 -17.72 31.68
C ILE B 227 6.47 -16.87 32.31
N LYS B 228 6.68 -17.04 33.62
CA LYS B 228 7.64 -16.25 34.35
C LYS B 228 9.04 -16.45 33.77
N GLU B 229 9.35 -17.70 33.39
CA GLU B 229 10.66 -18.03 32.84
C GLU B 229 10.89 -17.26 31.54
N ILE B 230 9.87 -17.19 30.68
CA ILE B 230 9.99 -16.55 29.38
C ILE B 230 10.07 -15.03 29.55
N VAL B 231 9.25 -14.48 30.45
CA VAL B 231 9.37 -13.06 30.79
C VAL B 231 10.80 -12.73 31.21
N ALA B 232 11.38 -13.53 32.12
CA ALA B 232 12.72 -13.23 32.61
C ALA B 232 13.73 -13.34 31.46
N TYR B 233 13.57 -14.34 30.60
CA TYR B 233 14.49 -14.53 29.49
C TYR B 233 14.45 -13.33 28.55
N ALA B 234 13.25 -12.85 28.23
CA ALA B 234 13.09 -11.72 27.33
C ALA B 234 13.70 -10.45 27.92
N LYS B 235 13.55 -10.25 29.23
CA LYS B 235 14.06 -9.06 29.90
C LYS B 235 15.58 -8.93 29.76
N LYS B 236 16.30 -10.07 29.72
CA LYS B 236 17.75 -10.03 29.57
C LYS B 236 18.15 -9.46 28.21
N LYS B 237 17.22 -9.48 27.25
CA LYS B 237 17.48 -8.95 25.91
C LYS B 237 16.65 -7.69 25.67
N PHE B 238 16.14 -7.09 26.77
CA PHE B 238 15.45 -5.80 26.74
C PHE B 238 14.18 -5.86 25.88
N ILE B 239 13.53 -7.01 25.95
CA ILE B 239 12.24 -7.23 25.31
C ILE B 239 11.21 -7.36 26.41
N GLU B 240 10.22 -6.47 26.36
CA GLU B 240 9.07 -6.53 27.25
C GLU B 240 7.97 -7.34 26.57
N ILE B 241 7.19 -8.07 27.37
CA ILE B 241 6.14 -8.90 26.83
C ILE B 241 4.79 -8.30 27.16
N ILE B 242 3.97 -8.10 26.11
CA ILE B 242 2.59 -7.72 26.27
C ILE B 242 1.70 -8.93 26.04
N PRO B 243 0.95 -9.38 27.08
CA PRO B 243 0.02 -10.49 26.91
C PRO B 243 -1.22 -9.95 26.23
N GLU B 244 -1.80 -10.77 25.35
CA GLU B 244 -3.12 -10.47 24.82
C GLU B 244 -4.08 -11.57 25.23
N ILE B 245 -5.12 -11.16 25.94
CA ILE B 245 -6.32 -11.97 26.12
C ILE B 245 -7.37 -11.33 25.24
N ASP B 246 -7.64 -11.97 24.11
CA ASP B 246 -8.49 -11.36 23.11
C ASP B 246 -9.94 -11.61 23.52
N ILE B 247 -10.63 -10.52 23.90
CA ILE B 247 -11.99 -10.62 24.40
C ILE B 247 -12.74 -9.41 23.89
N PRO B 248 -14.09 -9.46 23.76
CA PRO B 248 -14.89 -10.66 23.99
C PRO B 248 -15.11 -11.53 22.76
N GLY B 249 -14.54 -11.13 21.60
CA GLY B 249 -14.53 -12.01 20.46
C GLY B 249 -13.30 -12.91 20.51
N HIS B 250 -13.16 -13.80 19.51
CA HIS B 250 -12.02 -14.70 19.44
C HIS B 250 -11.85 -15.46 20.77
N SER B 251 -12.99 -15.82 21.37
CA SER B 251 -13.04 -16.32 22.74
C SER B 251 -13.73 -17.68 22.83
N GLN B 252 -13.89 -18.39 21.70
CA GLN B 252 -14.68 -19.62 21.72
C GLN B 252 -14.05 -20.68 22.64
N ALA B 253 -12.71 -20.70 22.80
CA ALA B 253 -12.12 -21.71 23.67
C ALA B 253 -12.50 -21.42 25.12
N ALA B 254 -12.50 -20.13 25.50
CA ALA B 254 -12.89 -19.74 26.84
C ALA B 254 -14.38 -20.07 27.08
N VAL B 255 -15.19 -19.80 26.06
CA VAL B 255 -16.60 -20.10 26.13
C VAL B 255 -16.82 -21.60 26.31
N ALA B 256 -16.00 -22.42 25.64
CA ALA B 256 -16.14 -23.88 25.72
C ALA B 256 -15.74 -24.36 27.12
N ALA B 257 -14.82 -23.64 27.77
CA ALA B 257 -14.36 -23.98 29.12
C ALA B 257 -15.42 -23.66 30.18
N TYR B 258 -16.06 -22.47 30.09
CA TYR B 258 -17.04 -22.05 31.07
C TYR B 258 -18.31 -21.54 30.39
N PRO B 259 -19.05 -22.41 29.68
CA PRO B 259 -20.22 -21.94 28.92
C PRO B 259 -21.34 -21.42 29.83
N GLU B 260 -21.40 -21.95 31.06
CA GLU B 260 -22.49 -21.66 31.98
C GLU B 260 -22.61 -20.17 32.27
N PHE B 261 -21.49 -19.41 32.22
CA PHE B 261 -21.57 -17.96 32.37
C PHE B 261 -20.93 -17.18 31.22
N LEU B 262 -20.11 -17.81 30.37
CA LEU B 262 -19.48 -17.02 29.31
C LEU B 262 -20.29 -17.07 28.01
N ALA B 263 -21.06 -18.16 27.79
CA ALA B 263 -21.82 -18.29 26.56
C ALA B 263 -23.04 -17.38 26.58
N CYS B 264 -23.37 -16.83 25.40
CA CYS B 264 -24.58 -16.02 25.27
C CYS B 264 -25.79 -16.96 25.25
N ASP B 265 -25.54 -18.20 24.87
CA ASP B 265 -26.55 -19.22 24.65
C ASP B 265 -26.12 -20.49 25.37
N PRO B 266 -26.07 -20.53 26.74
CA PRO B 266 -25.50 -21.67 27.44
C PRO B 266 -26.25 -23.00 27.29
N ARG B 267 -27.45 -22.96 26.72
CA ARG B 267 -28.19 -24.21 26.51
C ARG B 267 -27.66 -24.95 25.28
N ASP B 268 -26.96 -24.23 24.39
CA ASP B 268 -26.36 -24.84 23.20
C ASP B 268 -25.03 -25.48 23.58
N LYS B 269 -24.52 -26.38 22.73
CA LYS B 269 -23.21 -27.00 22.92
C LYS B 269 -22.12 -26.02 22.51
N HIS B 270 -21.04 -25.96 23.33
CA HIS B 270 -19.89 -25.12 23.07
C HIS B 270 -18.62 -25.95 23.12
N GLU B 271 -17.86 -25.89 22.04
CA GLU B 271 -16.64 -26.68 21.93
C GLU B 271 -15.53 -25.76 21.43
N VAL B 272 -14.28 -26.17 21.67
CA VAL B 272 -13.18 -25.43 21.07
C VAL B 272 -13.36 -25.46 19.55
N TRP B 273 -13.12 -24.33 18.89
CA TRP B 273 -13.34 -24.29 17.45
C TRP B 273 -12.24 -25.03 16.70
N LEU B 274 -12.65 -25.85 15.71
CA LEU B 274 -11.68 -26.58 14.88
C LEU B 274 -11.58 -25.93 13.51
N GLN B 275 -12.16 -24.73 13.36
CA GLN B 275 -12.14 -24.01 12.09
C GLN B 275 -11.32 -22.73 12.22
N GLN B 276 -10.93 -22.20 11.06
CA GLN B 276 -10.38 -20.86 10.94
C GLN B 276 -11.51 -19.89 10.66
N GLY B 277 -11.25 -18.61 10.88
CA GLY B 277 -12.17 -17.57 10.47
C GLY B 277 -12.70 -16.75 11.65
N ILE B 278 -13.95 -16.32 11.53
CA ILE B 278 -14.57 -15.46 12.52
C ILE B 278 -15.72 -16.23 13.18
N SER B 279 -15.60 -16.42 14.50
CA SER B 279 -16.60 -17.10 15.30
C SER B 279 -17.62 -16.10 15.85
N THR B 280 -18.89 -16.52 15.91
CA THR B 280 -19.94 -15.72 16.53
C THR B 280 -20.12 -16.11 18.01
N ASP B 281 -19.36 -17.12 18.46
CA ASP B 281 -19.49 -17.60 19.83
C ASP B 281 -18.66 -16.72 20.78
N VAL B 282 -19.19 -15.51 21.01
CA VAL B 282 -18.48 -14.46 21.73
C VAL B 282 -18.89 -14.50 23.20
N ILE B 283 -18.10 -13.88 24.07
CA ILE B 283 -18.41 -13.86 25.48
C ILE B 283 -19.65 -12.98 25.72
N ASN B 284 -20.49 -13.45 26.65
CA ASN B 284 -21.64 -12.71 27.14
C ASN B 284 -21.21 -11.59 28.08
N VAL B 285 -20.97 -10.40 27.51
CA VAL B 285 -20.41 -9.29 28.26
C VAL B 285 -21.41 -8.72 29.27
N ALA B 286 -22.68 -9.14 29.19
CA ALA B 286 -23.69 -8.62 30.11
C ALA B 286 -23.82 -9.49 31.37
N ASN B 287 -23.23 -10.69 31.34
CA ASN B 287 -23.29 -11.58 32.50
C ASN B 287 -22.32 -11.10 33.58
N PRO B 288 -22.76 -10.78 34.81
CA PRO B 288 -21.84 -10.32 35.85
C PRO B 288 -20.68 -11.28 36.10
N LYS B 289 -20.91 -12.59 35.92
CA LYS B 289 -19.85 -13.55 36.19
C LYS B 289 -18.80 -13.51 35.08
N ALA B 290 -19.20 -13.08 33.87
CA ALA B 290 -18.22 -12.91 32.80
C ALA B 290 -17.33 -11.72 33.12
N MET B 291 -17.92 -10.67 33.70
CA MET B 291 -17.15 -9.50 34.10
C MET B 291 -16.17 -9.91 35.20
N GLN B 292 -16.65 -10.71 36.15
CA GLN B 292 -15.79 -11.13 37.26
C GLN B 292 -14.65 -11.98 36.71
N PHE B 293 -14.95 -12.85 35.74
CA PHE B 293 -13.96 -13.68 35.07
C PHE B 293 -12.86 -12.80 34.45
N ALA B 294 -13.26 -11.77 33.70
CA ALA B 294 -12.28 -10.96 33.00
C ALA B 294 -11.41 -10.24 34.03
N LYS B 295 -12.02 -9.73 35.10
CA LYS B 295 -11.27 -9.04 36.14
C LYS B 295 -10.23 -9.98 36.74
N GLU B 296 -10.63 -11.23 37.00
CA GLU B 296 -9.77 -12.18 37.69
C GLU B 296 -8.64 -12.63 36.78
N VAL B 297 -8.89 -12.74 35.46
CA VAL B 297 -7.84 -13.09 34.52
C VAL B 297 -6.82 -11.95 34.48
N ILE B 298 -7.33 -10.72 34.40
CA ILE B 298 -6.45 -9.55 34.44
C ILE B 298 -5.61 -9.57 35.72
N ASP B 299 -6.22 -9.93 36.86
CA ASP B 299 -5.48 -10.01 38.11
C ASP B 299 -4.28 -10.95 37.96
N GLU B 300 -4.51 -12.13 37.38
CA GLU B 300 -3.42 -13.10 37.25
C GLU B 300 -2.37 -12.60 36.24
N LEU B 301 -2.81 -11.92 35.18
CA LEU B 301 -1.85 -11.37 34.23
C LEU B 301 -0.91 -10.37 34.90
N THR B 302 -1.43 -9.62 35.85
N THR B 302 -1.42 -9.55 35.83
CA THR B 302 -0.70 -8.56 36.52
CA THR B 302 -0.59 -8.55 36.48
C THR B 302 0.41 -9.13 37.39
C THR B 302 0.53 -9.21 37.26
N GLU B 303 0.25 -10.40 37.81
CA GLU B 303 1.23 -11.11 38.62
C GLU B 303 2.35 -11.71 37.75
N LEU B 304 2.04 -12.02 36.48
CA LEU B 304 2.96 -12.75 35.61
C LEU B 304 3.72 -11.81 34.67
N PHE B 305 3.05 -10.75 34.23
CA PHE B 305 3.61 -9.86 33.22
C PHE B 305 3.84 -8.49 33.82
N PRO B 306 5.10 -8.08 34.06
CA PRO B 306 5.38 -6.79 34.71
C PRO B 306 5.28 -5.56 33.82
N PHE B 307 5.27 -5.77 32.50
CA PHE B 307 5.17 -4.66 31.56
C PHE B 307 3.84 -3.92 31.78
N ASN B 308 3.84 -2.61 31.52
N ASN B 308 3.84 -2.61 31.53
CA ASN B 308 2.74 -1.74 31.94
CA ASN B 308 2.73 -1.77 31.97
C ASN B 308 1.55 -1.79 30.98
C ASN B 308 1.58 -1.75 30.95
N TYR B 309 1.58 -2.68 29.97
CA TYR B 309 0.52 -2.75 28.99
C TYR B 309 -0.08 -4.15 28.93
N ILE B 310 -1.41 -4.20 28.77
CA ILE B 310 -2.12 -5.41 28.40
C ILE B 310 -2.92 -5.16 27.12
N HIS B 311 -2.97 -6.17 26.25
CA HIS B 311 -3.76 -6.11 25.04
C HIS B 311 -5.05 -6.91 25.26
N LEU B 312 -6.20 -6.25 25.08
CA LEU B 312 -7.48 -6.92 25.30
C LEU B 312 -8.14 -7.29 23.98
N GLY B 313 -7.41 -7.12 22.87
CA GLY B 313 -7.90 -7.61 21.59
C GLY B 313 -9.03 -6.73 21.05
N GLY B 314 -10.17 -7.35 20.74
CA GLY B 314 -11.35 -6.60 20.33
C GLY B 314 -11.59 -6.66 18.82
N ASP B 315 -10.78 -7.44 18.09
CA ASP B 315 -11.00 -7.64 16.66
C ASP B 315 -12.19 -8.56 16.43
N GLU B 316 -12.84 -8.39 15.27
CA GLU B 316 -13.74 -9.38 14.69
C GLU B 316 -14.68 -9.98 15.74
N CYS B 317 -15.49 -9.11 16.35
CA CYS B 317 -16.40 -9.52 17.40
C CYS B 317 -17.83 -9.32 16.90
N PRO B 318 -18.47 -10.34 16.26
CA PRO B 318 -19.83 -10.19 15.76
C PRO B 318 -20.77 -9.96 16.94
N THR B 319 -21.78 -9.11 16.74
CA THR B 319 -22.71 -8.83 17.81
C THR B 319 -23.94 -9.73 17.73
N ARG B 320 -23.98 -10.63 16.74
CA ARG B 320 -25.13 -11.48 16.46
C ARG B 320 -25.73 -12.09 17.71
N LYS B 321 -24.88 -12.74 18.51
CA LYS B 321 -25.36 -13.46 19.69
C LYS B 321 -25.80 -12.49 20.80
N TRP B 322 -25.21 -11.29 20.84
CA TRP B 322 -25.67 -10.30 21.82
C TRP B 322 -27.08 -9.86 21.47
N GLN B 323 -27.36 -9.76 20.18
CA GLN B 323 -28.67 -9.30 19.71
C GLN B 323 -29.74 -10.32 20.03
N LYS B 324 -29.32 -11.54 20.39
CA LYS B 324 -30.28 -12.59 20.70
C LYS B 324 -30.30 -12.86 22.21
N ASN B 325 -29.61 -12.02 22.98
CA ASN B 325 -29.42 -12.28 24.40
C ASN B 325 -30.16 -11.22 25.22
N ASP B 326 -31.05 -11.67 26.12
CA ASP B 326 -31.92 -10.75 26.86
C ASP B 326 -31.10 -9.87 27.79
N GLU B 327 -30.11 -10.46 28.49
CA GLU B 327 -29.24 -9.70 29.37
C GLU B 327 -28.54 -8.58 28.60
N CYS B 328 -28.04 -8.92 27.40
CA CYS B 328 -27.30 -7.97 26.58
C CYS B 328 -28.21 -6.83 26.13
N LYS B 329 -29.43 -7.17 25.71
CA LYS B 329 -30.37 -6.15 25.26
C LYS B 329 -30.75 -5.21 26.40
N LYS B 330 -30.96 -5.77 27.60
CA LYS B 330 -31.30 -4.96 28.76
C LYS B 330 -30.13 -4.02 29.10
N LEU B 331 -28.90 -4.54 29.06
CA LEU B 331 -27.75 -3.73 29.39
C LEU B 331 -27.59 -2.59 28.38
N LEU B 332 -27.80 -2.90 27.10
CA LEU B 332 -27.62 -1.91 26.06
C LEU B 332 -28.61 -0.77 26.26
N SER B 333 -29.85 -1.12 26.64
CA SER B 333 -30.87 -0.13 26.94
C SER B 333 -30.45 0.71 28.15
N GLU B 334 -29.94 0.06 29.19
CA GLU B 334 -29.53 0.75 30.41
C GLU B 334 -28.43 1.77 30.12
N ILE B 335 -27.50 1.43 29.23
CA ILE B 335 -26.37 2.31 28.97
C ILE B 335 -26.74 3.39 27.94
N GLY B 336 -27.94 3.30 27.37
CA GLY B 336 -28.52 4.36 26.54
C GLY B 336 -28.05 4.31 25.09
N SER B 337 -27.79 3.11 24.58
CA SER B 337 -27.30 2.96 23.22
C SER B 337 -28.23 2.02 22.45
N SER B 338 -28.25 2.16 21.12
CA SER B 338 -28.91 1.21 20.23
C SER B 338 -27.87 0.48 19.38
N ASN B 339 -26.59 0.77 19.61
CA ASN B 339 -25.54 0.12 18.83
C ASN B 339 -24.90 -0.98 19.67
N PHE B 340 -25.03 -2.23 19.22
CA PHE B 340 -24.53 -3.35 20.02
C PHE B 340 -23.01 -3.33 20.19
N ARG B 341 -22.30 -2.63 19.29
CA ARG B 341 -20.85 -2.51 19.44
C ARG B 341 -20.53 -1.86 20.78
N ASP B 342 -21.46 -1.05 21.28
CA ASP B 342 -21.22 -0.31 22.51
C ASP B 342 -21.16 -1.24 23.73
N LEU B 343 -21.71 -2.45 23.64
CA LEU B 343 -21.57 -3.42 24.72
C LEU B 343 -20.09 -3.81 24.89
N GLN B 344 -19.39 -3.94 23.76
CA GLN B 344 -17.97 -4.25 23.76
C GLN B 344 -17.21 -3.11 24.46
N ILE B 345 -17.57 -1.87 24.11
CA ILE B 345 -16.85 -0.70 24.63
C ILE B 345 -17.13 -0.58 26.12
N TYR B 346 -18.39 -0.81 26.51
CA TYR B 346 -18.79 -0.68 27.90
C TYR B 346 -18.06 -1.72 28.76
N PHE B 347 -17.96 -2.94 28.22
CA PHE B 347 -17.22 -4.01 28.88
C PHE B 347 -15.80 -3.56 29.20
N TYR B 348 -15.12 -2.98 28.20
CA TYR B 348 -13.76 -2.50 28.37
C TYR B 348 -13.69 -1.38 29.39
N LYS B 349 -14.68 -0.47 29.38
CA LYS B 349 -14.67 0.64 30.33
C LYS B 349 -14.72 0.10 31.75
N GLN B 350 -15.50 -0.97 31.97
N GLN B 350 -15.53 -0.94 31.96
CA GLN B 350 -15.63 -1.55 33.30
CA GLN B 350 -15.64 -1.55 33.28
C GLN B 350 -14.32 -2.19 33.74
C GLN B 350 -14.27 -2.08 33.70
N LEU B 351 -13.59 -2.80 32.80
CA LEU B 351 -12.29 -3.37 33.10
C LEU B 351 -11.26 -2.27 33.35
N LYS B 352 -11.31 -1.21 32.54
CA LYS B 352 -10.38 -0.11 32.68
C LYS B 352 -10.57 0.57 34.04
N ASP B 353 -11.83 0.75 34.46
CA ASP B 353 -12.14 1.34 35.76
C ASP B 353 -11.64 0.43 36.87
N TYR B 354 -11.84 -0.89 36.72
CA TYR B 354 -11.38 -1.83 37.72
C TYR B 354 -9.86 -1.72 37.89
N ILE B 355 -9.13 -1.68 36.78
CA ILE B 355 -7.68 -1.62 36.83
C ILE B 355 -7.25 -0.36 37.58
N ALA B 356 -7.96 0.74 37.38
CA ALA B 356 -7.67 2.01 38.03
C ALA B 356 -7.87 1.96 39.55
N THR B 357 -8.55 0.92 40.06
CA THR B 357 -8.79 0.85 41.49
C THR B 357 -7.59 0.22 42.21
N LYS B 358 -6.64 -0.33 41.44
CA LYS B 358 -5.56 -1.13 42.00
C LYS B 358 -4.39 -0.22 42.40
N PRO B 359 -3.46 -0.72 43.24
CA PRO B 359 -2.21 0.00 43.52
C PRO B 359 -1.48 0.33 42.22
N ALA B 360 -0.72 1.44 42.23
CA ALA B 360 -0.05 1.99 41.05
C ALA B 360 0.75 0.91 40.30
N ASP B 361 1.50 0.08 41.03
CA ASP B 361 2.38 -0.87 40.38
C ASP B 361 1.60 -1.96 39.64
N GLN B 362 0.30 -2.10 39.95
CA GLN B 362 -0.55 -3.15 39.38
C GLN B 362 -1.42 -2.58 38.26
N GLN B 363 -1.34 -1.27 38.06
CA GLN B 363 -2.13 -0.64 37.01
C GLN B 363 -1.51 -0.93 35.64
N ARG B 364 -2.36 -0.91 34.60
CA ARG B 364 -1.93 -1.26 33.26
C ARG B 364 -2.66 -0.39 32.26
N GLN B 365 -1.94 -0.01 31.21
CA GLN B 365 -2.51 0.67 30.06
C GLN B 365 -3.03 -0.39 29.09
N LEU B 366 -4.07 -0.03 28.34
CA LEU B 366 -4.78 -1.00 27.51
C LEU B 366 -4.54 -0.74 26.02
N ILE B 367 -4.38 -1.84 25.27
CA ILE B 367 -4.24 -1.80 23.82
C ILE B 367 -5.37 -2.62 23.22
N PHE B 368 -5.87 -2.18 22.07
CA PHE B 368 -6.95 -2.84 21.38
C PHE B 368 -6.67 -2.85 19.88
N TRP B 369 -7.20 -3.85 19.18
CA TRP B 369 -7.24 -3.80 17.72
C TRP B 369 -8.17 -2.68 17.26
N ASN B 370 -7.99 -2.18 16.03
CA ASN B 370 -8.63 -0.95 15.59
C ASN B 370 -10.16 -1.06 15.43
N GLU B 371 -10.74 -2.27 15.37
CA GLU B 371 -12.20 -2.32 15.22
C GLU B 371 -12.93 -1.60 16.36
N VAL B 372 -12.31 -1.50 17.53
CA VAL B 372 -12.96 -0.87 18.66
C VAL B 372 -13.28 0.59 18.36
N LEU B 373 -12.60 1.21 17.36
CA LEU B 373 -12.85 2.60 17.02
C LEU B 373 -14.27 2.83 16.52
N HIS B 374 -14.96 1.77 16.07
CA HIS B 374 -16.26 1.94 15.44
C HIS B 374 -17.38 1.97 16.48
N GLY B 375 -17.01 1.76 17.74
CA GLY B 375 -17.94 1.97 18.84
C GLY B 375 -17.92 3.42 19.33
N ASN B 376 -18.85 3.76 20.22
CA ASN B 376 -18.81 5.06 20.85
C ASN B 376 -17.67 5.06 21.87
N THR B 377 -16.47 5.42 21.43
CA THR B 377 -15.29 5.29 22.26
C THR B 377 -15.25 6.34 23.36
N SER B 378 -16.14 7.34 23.31
CA SER B 378 -16.23 8.29 24.41
C SER B 378 -16.65 7.56 25.70
N ILE B 379 -17.28 6.38 25.57
CA ILE B 379 -17.62 5.57 26.72
C ILE B 379 -16.33 5.15 27.42
N LEU B 380 -15.32 4.79 26.60
CA LEU B 380 -14.09 4.18 27.08
C LEU B 380 -13.05 5.26 27.40
N GLY B 381 -13.02 6.32 26.58
CA GLY B 381 -12.02 7.36 26.73
C GLY B 381 -10.86 7.19 25.74
N ASN B 382 -10.03 8.22 25.66
CA ASN B 382 -8.99 8.28 24.64
C ASN B 382 -7.64 7.85 25.21
N ASP B 383 -7.58 7.49 26.50
CA ASP B 383 -6.32 7.03 27.09
C ASP B 383 -6.17 5.53 26.85
N ILE B 384 -6.22 5.16 25.56
CA ILE B 384 -6.01 3.79 25.13
C ILE B 384 -5.04 3.82 23.96
N THR B 385 -4.51 2.64 23.59
CA THR B 385 -3.66 2.50 22.42
C THR B 385 -4.40 1.64 21.40
N ILE B 386 -4.32 2.06 20.13
CA ILE B 386 -4.94 1.33 19.02
C ILE B 386 -3.85 0.65 18.20
N MET B 387 -3.95 -0.68 18.10
CA MET B 387 -3.12 -1.43 17.19
C MET B 387 -3.86 -1.55 15.86
N ALA B 388 -3.35 -0.80 14.87
CA ALA B 388 -4.00 -0.58 13.58
C ALA B 388 -3.55 -1.65 12.60
N TRP B 389 -4.47 -2.55 12.23
CA TRP B 389 -4.10 -3.71 11.41
C TRP B 389 -4.92 -3.77 10.11
N ILE B 390 -6.18 -3.34 10.16
CA ILE B 390 -7.09 -3.49 9.02
C ILE B 390 -7.55 -2.10 8.61
N GLY B 391 -7.36 -1.77 7.33
CA GLY B 391 -7.35 -0.37 6.92
C GLY B 391 -6.48 0.46 7.86
N ALA B 392 -5.25 -0.03 8.10
CA ALA B 392 -4.41 0.44 9.19
C ALA B 392 -4.11 1.92 9.06
N ASN B 393 -3.82 2.40 7.85
CA ASN B 393 -3.39 3.78 7.72
C ASN B 393 -4.49 4.73 8.17
N ALA B 394 -5.72 4.44 7.73
CA ALA B 394 -6.87 5.26 8.05
C ALA B 394 -7.21 5.13 9.54
N ALA B 395 -7.09 3.91 10.08
CA ALA B 395 -7.40 3.66 11.48
C ALA B 395 -6.41 4.40 12.37
N ALA B 396 -5.13 4.37 12.01
CA ALA B 396 -4.10 5.02 12.83
C ALA B 396 -4.34 6.53 12.84
N LYS B 397 -4.72 7.08 11.69
CA LYS B 397 -5.00 8.49 11.60
C LYS B 397 -6.20 8.85 12.49
N GLN B 398 -7.23 8.02 12.44
CA GLN B 398 -8.42 8.27 13.25
C GLN B 398 -8.06 8.25 14.73
N ALA B 399 -7.25 7.24 15.13
CA ALA B 399 -6.84 7.12 16.52
C ALA B 399 -6.09 8.39 16.94
N ALA B 400 -5.12 8.79 16.12
CA ALA B 400 -4.29 9.94 16.45
C ALA B 400 -5.14 11.20 16.56
N LYS B 401 -6.11 11.37 15.64
CA LYS B 401 -6.97 12.55 15.66
C LYS B 401 -7.82 12.60 16.93
N GLN B 402 -8.03 11.44 17.56
CA GLN B 402 -8.81 11.35 18.78
C GLN B 402 -7.92 11.48 20.02
N GLY B 403 -6.60 11.57 19.81
CA GLY B 403 -5.66 11.70 20.91
C GLY B 403 -5.23 10.35 21.48
N MET B 404 -5.58 9.26 20.77
CA MET B 404 -5.16 7.93 21.18
C MET B 404 -3.79 7.63 20.59
N ASN B 405 -2.97 6.88 21.33
CA ASN B 405 -1.73 6.38 20.77
C ASN B 405 -2.04 5.24 19.80
N THR B 406 -1.12 5.00 18.86
CA THR B 406 -1.35 3.98 17.84
C THR B 406 -0.05 3.27 17.50
N ILE B 407 -0.17 1.97 17.22
CA ILE B 407 0.89 1.09 16.75
C ILE B 407 0.46 0.55 15.41
N LEU B 408 1.33 0.62 14.42
CA LEU B 408 0.99 0.17 13.08
C LEU B 408 1.42 -1.27 12.88
N SER B 409 0.42 -2.15 12.67
CA SER B 409 0.70 -3.53 12.31
C SER B 409 -0.17 -3.91 11.10
N PRO B 410 0.01 -3.23 9.94
CA PRO B 410 -0.88 -3.44 8.79
C PRO B 410 -0.82 -4.89 8.29
N GLN B 411 -1.99 -5.48 8.06
CA GLN B 411 -2.11 -6.83 7.56
C GLN B 411 -1.17 -7.01 6.36
N ILE B 412 -1.31 -6.11 5.39
CA ILE B 412 -0.36 -6.06 4.30
C ILE B 412 0.46 -4.78 4.48
N PRO B 413 1.81 -4.85 4.62
CA PRO B 413 2.56 -6.11 4.51
C PRO B 413 3.24 -6.62 5.79
N TYR B 414 2.70 -6.29 6.97
CA TYR B 414 3.40 -6.64 8.19
C TYR B 414 2.86 -7.92 8.84
N TYR B 415 1.90 -8.60 8.20
CA TYR B 415 1.58 -9.95 8.65
C TYR B 415 2.54 -10.94 8.01
N ILE B 416 3.61 -11.28 8.74
CA ILE B 416 4.73 -11.98 8.11
C ILE B 416 4.55 -13.50 8.16
N ASN B 417 3.35 -13.95 8.59
CA ASN B 417 2.95 -15.32 8.31
C ASN B 417 2.56 -15.47 6.83
N ARG B 418 2.26 -14.35 6.15
CA ARG B 418 1.79 -14.43 4.77
C ARG B 418 2.92 -14.92 3.84
N LYS B 419 2.57 -15.50 2.69
CA LYS B 419 3.58 -15.99 1.76
C LYS B 419 4.54 -14.88 1.34
N GLN B 420 5.82 -15.23 1.22
CA GLN B 420 6.84 -14.24 0.91
C GLN B 420 7.30 -14.37 -0.54
N SER B 421 6.68 -15.29 -1.27
CA SER B 421 7.05 -15.56 -2.64
C SER B 421 5.88 -16.21 -3.36
N LYS B 422 5.83 -16.05 -4.68
CA LYS B 422 4.82 -16.69 -5.51
C LYS B 422 5.24 -18.10 -5.95
N LEU B 423 6.45 -18.55 -5.57
CA LEU B 423 6.87 -19.90 -5.95
C LEU B 423 5.85 -20.92 -5.44
N PRO B 424 5.48 -21.95 -6.26
CA PRO B 424 4.52 -22.96 -5.82
C PRO B 424 5.00 -23.77 -4.62
N THR B 425 6.33 -23.80 -4.43
CA THR B 425 6.98 -24.66 -3.46
C THR B 425 7.00 -24.01 -2.08
N GLU B 426 6.44 -22.81 -1.94
CA GLU B 426 6.35 -22.19 -0.64
C GLU B 426 5.47 -23.05 0.27
N PRO B 427 5.72 -23.08 1.61
CA PRO B 427 4.82 -23.78 2.52
C PRO B 427 3.47 -23.07 2.52
N MET B 428 2.44 -23.76 2.98
CA MET B 428 1.11 -23.17 3.01
C MET B 428 1.06 -22.09 4.08
N SER B 429 0.57 -20.91 3.67
CA SER B 429 0.16 -19.87 4.58
C SER B 429 -0.71 -18.91 3.78
N GLN B 430 -1.19 -17.85 4.45
CA GLN B 430 -2.12 -16.95 3.82
C GLN B 430 -1.44 -16.11 2.73
N GLY B 431 -2.26 -15.58 1.82
CA GLY B 431 -1.79 -14.68 0.76
C GLY B 431 -1.26 -15.45 -0.46
N HIS B 432 -0.85 -14.74 -1.50
CA HIS B 432 -0.46 -15.46 -2.71
C HIS B 432 0.98 -15.13 -3.12
N GLY B 433 1.73 -14.47 -2.22
CA GLY B 433 3.17 -14.30 -2.42
C GLY B 433 3.59 -12.86 -2.73
N THR B 434 2.71 -11.91 -2.43
CA THR B 434 2.99 -10.50 -2.69
C THR B 434 3.73 -9.83 -1.53
N GLU B 435 3.73 -10.46 -0.33
CA GLU B 435 4.42 -9.91 0.84
C GLU B 435 5.89 -10.32 0.85
N THR B 436 6.61 -9.86 -0.18
CA THR B 436 8.04 -10.11 -0.34
C THR B 436 8.81 -9.24 0.66
N VAL B 437 10.10 -9.53 0.82
CA VAL B 437 10.94 -8.71 1.68
C VAL B 437 10.84 -7.26 1.23
N GLU B 438 10.88 -7.04 -0.10
CA GLU B 438 10.83 -5.71 -0.65
C GLU B 438 9.53 -5.00 -0.25
N ALA B 439 8.40 -5.71 -0.35
CA ALA B 439 7.10 -5.14 -0.03
C ALA B 439 7.06 -4.70 1.43
N VAL B 440 7.58 -5.55 2.31
CA VAL B 440 7.59 -5.27 3.73
C VAL B 440 8.44 -4.02 3.98
N TYR B 441 9.65 -4.01 3.39
CA TYR B 441 10.56 -2.90 3.61
C TYR B 441 9.98 -1.59 3.07
N ASN B 442 9.28 -1.67 1.94
CA ASN B 442 8.84 -0.46 1.26
C ASN B 442 7.65 0.23 1.93
N TYR B 443 6.98 -0.46 2.87
CA TYR B 443 5.93 0.22 3.61
C TYR B 443 6.54 1.36 4.43
N GLN B 444 5.90 2.53 4.34
CA GLN B 444 6.35 3.73 5.02
C GLN B 444 5.32 4.12 6.08
N PRO B 445 5.58 3.84 7.37
CA PRO B 445 4.59 4.02 8.43
C PRO B 445 4.04 5.43 8.54
N LEU B 446 4.87 6.45 8.23
CA LEU B 446 4.47 7.82 8.49
C LEU B 446 4.20 8.59 7.19
N LYS B 447 4.13 7.89 6.05
CA LYS B 447 3.85 8.59 4.80
C LYS B 447 2.52 9.33 4.90
N ASP B 448 2.54 10.63 4.57
CA ASP B 448 1.34 11.45 4.53
C ASP B 448 0.70 11.62 5.92
N VAL B 449 1.45 11.33 6.99
CA VAL B 449 0.92 11.59 8.32
C VAL B 449 1.32 13.01 8.71
N ASP B 450 0.33 13.85 9.02
CA ASP B 450 0.54 15.23 9.42
C ASP B 450 1.48 15.25 10.63
N ALA B 451 2.34 16.27 10.69
CA ALA B 451 3.35 16.42 11.73
C ALA B 451 2.71 16.46 13.12
N ALA B 452 1.50 17.04 13.21
CA ALA B 452 0.79 17.19 14.48
C ALA B 452 0.24 15.85 14.99
N LEU B 453 0.12 14.86 14.10
CA LEU B 453 -0.40 13.56 14.49
C LEU B 453 0.73 12.58 14.77
N GLN B 454 1.94 12.89 14.29
CA GLN B 454 3.04 11.95 14.35
C GLN B 454 3.40 11.56 15.78
N PRO B 455 3.30 12.45 16.80
CA PRO B 455 3.61 12.06 18.18
C PRO B 455 2.81 10.87 18.71
N TYR B 456 1.62 10.63 18.13
CA TYR B 456 0.75 9.57 18.60
C TYR B 456 1.15 8.21 18.03
N TYR B 457 2.02 8.21 17.02
CA TYR B 457 2.48 7.00 16.37
C TYR B 457 3.68 6.43 17.12
N LYS B 458 3.42 5.41 17.94
CA LYS B 458 4.37 4.89 18.90
C LYS B 458 5.31 3.89 18.25
N GLY B 459 4.89 3.30 17.13
CA GLY B 459 5.78 2.40 16.43
C GLY B 459 5.05 1.40 15.55
N VAL B 460 5.73 0.26 15.34
CA VAL B 460 5.35 -0.72 14.34
C VAL B 460 5.49 -2.09 14.95
N GLN B 461 4.80 -3.05 14.33
CA GLN B 461 4.85 -4.43 14.78
C GLN B 461 4.58 -5.35 13.61
N ALA B 462 5.38 -6.43 13.52
CA ALA B 462 5.09 -7.53 12.62
C ALA B 462 4.26 -8.53 13.42
N ASN B 463 3.20 -9.05 12.80
CA ASN B 463 2.35 -10.04 13.45
C ASN B 463 2.48 -11.36 12.73
N PHE B 464 2.36 -12.44 13.50
CA PHE B 464 2.49 -13.78 12.95
C PHE B 464 1.33 -14.65 13.41
N TRP B 465 0.39 -14.87 12.48
CA TRP B 465 -0.81 -15.65 12.72
C TRP B 465 -0.60 -17.09 12.29
N THR B 466 -1.09 -18.05 13.09
CA THR B 466 -0.62 -19.42 12.91
C THR B 466 -1.71 -20.40 12.46
N GLU B 467 -2.77 -19.90 11.80
CA GLU B 467 -3.78 -20.82 11.29
C GLU B 467 -3.17 -21.99 10.54
N TRP B 468 -2.21 -21.70 9.64
CA TRP B 468 -1.67 -22.70 8.72
C TRP B 468 -0.32 -23.25 9.19
N VAL B 469 0.33 -22.57 10.13
CA VAL B 469 1.73 -22.83 10.45
C VAL B 469 1.79 -23.67 11.71
N THR B 470 2.36 -24.88 11.61
CA THR B 470 2.26 -25.81 12.72
C THR B 470 3.65 -26.21 13.24
N GLU B 471 4.69 -25.97 12.43
CA GLU B 471 6.03 -26.45 12.70
C GLU B 471 6.97 -25.27 12.89
N PRO B 472 7.89 -25.35 13.89
CA PRO B 472 8.86 -24.28 14.13
C PRO B 472 9.72 -23.96 12.89
N SER B 473 10.04 -24.99 12.09
CA SER B 473 10.85 -24.76 10.89
C SER B 473 10.15 -23.81 9.93
N VAL B 474 8.83 -23.97 9.79
CA VAL B 474 8.06 -23.13 8.88
C VAL B 474 7.87 -21.74 9.49
N LEU B 475 7.66 -21.69 10.81
CA LEU B 475 7.57 -20.42 11.52
C LEU B 475 8.81 -19.57 11.20
N GLU B 476 10.00 -20.18 11.32
CA GLU B 476 11.25 -19.46 11.15
C GLU B 476 11.44 -19.04 9.68
N TYR B 477 11.16 -19.99 8.78
CA TYR B 477 11.16 -19.75 7.35
C TYR B 477 10.35 -18.51 6.96
N LEU B 478 9.18 -18.35 7.58
CA LEU B 478 8.33 -17.21 7.26
C LEU B 478 8.78 -15.94 8.00
N MET B 479 9.28 -16.07 9.23
CA MET B 479 9.69 -14.91 10.00
C MET B 479 10.89 -14.20 9.39
N LEU B 480 11.86 -14.98 8.89
CA LEU B 480 13.13 -14.40 8.47
C LEU B 480 13.26 -14.47 6.96
N PRO B 481 13.81 -13.42 6.29
CA PRO B 481 14.32 -12.23 6.97
C PRO B 481 13.38 -11.03 7.08
N ARG B 482 12.08 -11.22 6.82
CA ARG B 482 11.15 -10.10 6.86
C ARG B 482 11.10 -9.43 8.25
N LEU B 483 11.31 -10.20 9.31
CA LEU B 483 11.34 -9.62 10.66
C LEU B 483 12.33 -8.46 10.72
N ALA B 484 13.50 -8.63 10.09
CA ALA B 484 14.53 -7.61 10.10
C ALA B 484 14.07 -6.36 9.37
N ALA B 485 13.23 -6.51 8.32
CA ALA B 485 12.76 -5.36 7.59
C ALA B 485 11.87 -4.51 8.48
N VAL B 486 10.99 -5.17 9.25
CA VAL B 486 10.12 -4.45 10.15
C VAL B 486 10.95 -3.85 11.28
N ALA B 487 11.95 -4.60 11.76
CA ALA B 487 12.82 -4.10 12.81
C ALA B 487 13.50 -2.80 12.37
N GLU B 488 13.95 -2.78 11.11
CA GLU B 488 14.59 -1.59 10.56
C GLU B 488 13.58 -0.47 10.37
N ALA B 489 12.36 -0.80 9.94
CA ALA B 489 11.31 0.23 9.86
C ALA B 489 11.07 0.86 11.23
N GLY B 490 11.18 0.06 12.30
CA GLY B 490 10.98 0.55 13.67
C GLY B 490 12.12 1.41 14.18
N TRP B 491 13.34 1.09 13.74
CA TRP B 491 14.55 1.68 14.32
C TRP B 491 15.04 2.86 13.48
N THR B 492 15.19 2.63 12.18
CA THR B 492 15.94 3.55 11.32
C THR B 492 15.00 4.61 10.78
N PRO B 493 15.36 5.93 10.85
CA PRO B 493 14.53 6.98 10.27
C PRO B 493 14.27 6.72 8.80
N GLN B 494 13.05 7.04 8.34
CA GLN B 494 12.61 6.74 6.98
C GLN B 494 13.63 7.23 5.95
N GLU B 495 14.16 8.44 6.17
CA GLU B 495 15.03 9.07 5.18
C GLU B 495 16.31 8.27 4.96
N LYS B 496 16.64 7.37 5.91
CA LYS B 496 17.85 6.57 5.81
C LYS B 496 17.54 5.15 5.36
N ARG B 497 16.27 4.86 5.07
CA ARG B 497 15.89 3.52 4.65
C ARG B 497 15.94 3.40 3.14
N ASN B 498 16.53 2.30 2.66
CA ASN B 498 16.69 2.04 1.25
C ASN B 498 16.71 0.52 1.07
N TYR B 499 15.78 -0.01 0.28
CA TYR B 499 15.67 -1.45 0.11
C TYR B 499 16.96 -2.08 -0.42
N GLU B 500 17.55 -1.48 -1.47
CA GLU B 500 18.74 -2.06 -2.09
C GLU B 500 19.88 -2.16 -1.07
N ASP B 501 20.04 -1.13 -0.21
CA ASP B 501 21.07 -1.19 0.82
C ASP B 501 20.74 -2.25 1.86
N PHE B 502 19.47 -2.28 2.30
CA PHE B 502 19.03 -3.27 3.25
C PHE B 502 19.31 -4.68 2.73
N LYS B 503 19.00 -4.91 1.44
CA LYS B 503 19.18 -6.23 0.85
C LYS B 503 20.64 -6.66 0.94
N GLU B 504 21.56 -5.75 0.61
CA GLU B 504 22.98 -6.10 0.66
C GLU B 504 23.39 -6.42 2.10
N ARG B 505 22.88 -5.66 3.08
CA ARG B 505 23.20 -5.88 4.49
C ARG B 505 22.61 -7.18 5.03
N ILE B 506 21.35 -7.44 4.71
CA ILE B 506 20.67 -8.59 5.29
C ILE B 506 21.22 -9.90 4.73
N ARG B 507 21.75 -9.86 3.50
CA ARG B 507 22.37 -11.03 2.88
C ARG B 507 23.47 -11.58 3.79
N LYS B 508 24.15 -10.69 4.53
CA LYS B 508 25.26 -11.10 5.40
C LYS B 508 24.75 -11.91 6.59
N ASP B 509 23.44 -11.85 6.87
CA ASP B 509 22.90 -12.56 8.01
C ASP B 509 22.56 -14.02 7.68
N ALA B 510 22.60 -14.40 6.40
CA ALA B 510 22.40 -15.81 6.07
C ALA B 510 23.34 -16.69 6.88
N GLU B 511 24.60 -16.26 7.03
CA GLU B 511 25.59 -16.97 7.80
C GLU B 511 25.17 -17.07 9.28
N LEU B 512 24.64 -15.97 9.84
CA LEU B 512 24.15 -15.95 11.21
C LEU B 512 23.04 -16.99 11.39
N TYR B 513 22.08 -16.99 10.46
CA TYR B 513 20.94 -17.89 10.57
C TYR B 513 21.41 -19.34 10.46
N ASP B 514 22.33 -19.60 9.53
CA ASP B 514 22.87 -20.94 9.36
C ASP B 514 23.51 -21.43 10.65
N LEU B 515 24.29 -20.56 11.29
CA LEU B 515 25.06 -20.95 12.46
C LEU B 515 24.14 -21.19 13.65
N LYS B 516 23.00 -20.47 13.65
CA LYS B 516 22.01 -20.60 14.71
C LYS B 516 21.09 -21.79 14.44
N GLY B 517 21.08 -22.31 13.21
CA GLY B 517 20.15 -23.36 12.83
C GLY B 517 18.72 -22.81 12.70
N TRP B 518 18.60 -21.53 12.36
CA TRP B 518 17.31 -20.93 12.08
C TRP B 518 16.98 -21.13 10.61
N ASN B 519 15.73 -21.48 10.31
CA ASN B 519 15.29 -21.49 8.92
C ASN B 519 14.98 -20.04 8.50
N TYR B 520 14.91 -19.82 7.18
CA TYR B 520 14.69 -18.49 6.62
C TYR B 520 14.38 -18.62 5.13
N GLY B 521 13.54 -17.70 4.64
CA GLY B 521 13.35 -17.55 3.20
C GLY B 521 14.65 -17.20 2.49
N LYS B 522 14.91 -17.89 1.37
CA LYS B 522 16.20 -17.79 0.69
C LYS B 522 16.12 -16.89 -0.53
N HIS B 523 14.96 -16.27 -0.79
CA HIS B 523 14.67 -15.62 -2.06
C HIS B 523 15.61 -14.45 -2.37
N ILE B 524 16.02 -13.70 -1.35
CA ILE B 524 16.92 -12.59 -1.60
C ILE B 524 18.36 -12.92 -1.20
N MET B 525 18.60 -14.17 -0.80
CA MET B 525 19.91 -14.55 -0.25
C MET B 525 20.79 -15.19 -1.33
#